data_7STF
#
_entry.id   7STF
#
_cell.length_a   1.00
_cell.length_b   1.00
_cell.length_c   1.00
_cell.angle_alpha   90.00
_cell.angle_beta   90.00
_cell.angle_gamma   90.00
#
_symmetry.space_group_name_H-M   'P 1'
#
loop_
_entity.id
_entity.type
_entity.pdbx_description
1 polymer 'IgG, Fab Heavy Chain V2'
2 polymer 'KRAS G12V (7-16)'
3 polymer 'IgG, Fab Light Chain V2'
4 polymer 'HLA class I histocompatibility antigen, A alpha chain'
5 polymer Beta-2-microglobulin
#
loop_
_entity_poly.entity_id
_entity_poly.type
_entity_poly.pdbx_seq_one_letter_code
_entity_poly.pdbx_strand_id
1 'polypeptide(L)'
;EVQLVESGGGLVQPGGSLRLSCAASGFNLSYSDIHWVRQAPGKGLEWVAVVMPDSGHTNYADSVKGRFTISADTSKNTAY
LQMNSLRAEDTAVYYCSRATNIPVYAFDYWGQGTLVTVSSASTKGPSVFPLAPSSKSTSGGTAALGCLVKDYFPEPVTVS
WNSGALTSGVHTFPAVLQSSGLYSLSSVVTVPSSSLGTQTYICNVNHKPSNTKVDKKVEP
;
H
2 'polypeptide(L)' VVVGAVGVGK C
3 'polypeptide(L)'
;DIQMTQSPSSLSASVGDRVTITCRASQDVNTAVAWYQQKPGKAPKLLIYSASFLYSGVPSRFSGSRSGTDFTLTISSLQP
EDFATYYCQQSYYYFRPITFGQGTKVEIKRTVAAPSVFIFPPSDEQLKSGTASVVCLLNNFYPREAKVQWKVDNALQSGN
SQESVTEQDSKDSTYSLSSTLTLSKADYEKHKVYACEVTHQGLSSPVTKSFNRGEC
;
L
4 'polypeptide(L)'
;GSHSMRYFFTSVSRPGRGEPRFIAVGYVDDTQFVRFDSDAASQRMEPRAPWIEQEGPEYWDQETRNVKAQSQTDRVDLGT
LRGYYNQSEAGSHTIQIMYGCDVGSDGRFLRGYRQDAYDGKDYIALNEDLRSWTAADMAAQITKRKWEAAHEAEQLRAYL
DGTCVEWLRRYLENGKETLQRTDPPKTHMTHHPISDHEATLRCWALGFYPAEITLTWQRDGEDQTQDTELVETRPAGDGT
FQKWAAVVVPSGEEQRYTCHVQHEGLPKPLTLRWELSSQP
;
A
5 'polypeptide(L)'
;EAIQRTPKIQVYSRHPAENGKSNFLNCYVSGFHPSDIEVDLLKNGERIEKVEHSDLSFSKDWSFYLLYYTEFTPTEKDEY
ACRVNHVTLSQPKIVKWDRDM
;
B
#
# COMPACT_ATOMS: atom_id res chain seq x y z
N VAL A 2 -9.75 -10.40 -6.26
CA VAL A 2 -8.87 -9.39 -6.85
C VAL A 2 -7.43 -9.89 -6.91
N GLN A 3 -7.27 -11.21 -7.09
CA GLN A 3 -5.96 -11.83 -7.26
C GLN A 3 -5.86 -12.40 -8.67
N LEU A 4 -4.74 -12.16 -9.33
CA LEU A 4 -4.73 -12.22 -10.78
C LEU A 4 -3.46 -12.87 -11.30
N VAL A 5 -3.17 -12.56 -12.56
CA VAL A 5 -2.19 -13.21 -13.43
C VAL A 5 -1.48 -12.09 -14.18
N GLU A 6 -0.79 -12.43 -15.26
CA GLU A 6 0.25 -11.63 -15.86
C GLU A 6 0.22 -11.86 -17.37
N SER A 7 1.22 -11.31 -18.06
CA SER A 7 1.48 -11.64 -19.47
C SER A 7 2.77 -10.95 -19.90
N GLY A 8 3.03 -10.96 -21.20
CA GLY A 8 3.93 -10.00 -21.82
C GLY A 8 4.92 -10.51 -22.85
N GLY A 9 5.55 -11.65 -22.61
CA GLY A 9 6.51 -12.13 -23.59
C GLY A 9 7.94 -11.73 -23.28
N GLY A 10 8.87 -12.61 -23.68
CA GLY A 10 10.29 -12.39 -23.49
C GLY A 10 10.89 -11.65 -24.67
N LEU A 11 10.59 -10.35 -24.75
CA LEU A 11 10.84 -9.57 -25.96
C LEU A 11 12.28 -9.70 -26.41
N VAL A 12 12.47 -9.56 -27.73
CA VAL A 12 13.78 -9.70 -28.34
C VAL A 12 14.20 -8.33 -28.84
N GLN A 13 15.36 -8.25 -29.47
CA GLN A 13 16.12 -7.02 -29.66
C GLN A 13 15.29 -5.85 -30.16
N PRO A 14 15.08 -4.84 -29.32
CA PRO A 14 14.49 -3.57 -29.75
C PRO A 14 15.48 -2.64 -30.43
N GLY A 15 16.55 -3.20 -31.00
CA GLY A 15 17.56 -2.42 -31.69
C GLY A 15 17.03 -1.32 -32.59
N GLY A 16 15.78 -1.43 -33.00
CA GLY A 16 14.99 -0.30 -33.49
C GLY A 16 13.90 0.03 -32.48
N SER A 17 13.77 1.32 -32.18
CA SER A 17 12.90 1.76 -31.08
C SER A 17 11.47 1.29 -31.27
N LEU A 18 10.88 0.74 -30.21
CA LEU A 18 9.66 -0.05 -30.35
C LEU A 18 8.93 -0.09 -29.00
N ARG A 19 8.01 -1.05 -28.85
CA ARG A 19 7.00 -1.07 -27.82
C ARG A 19 6.93 -2.45 -27.18
N LEU A 20 6.37 -2.51 -25.97
CA LEU A 20 6.15 -3.75 -25.25
C LEU A 20 4.82 -3.69 -24.52
N SER A 21 4.26 -4.85 -24.20
CA SER A 21 2.92 -4.86 -23.62
C SER A 21 2.77 -6.02 -22.66
N CYS A 22 1.90 -5.85 -21.68
CA CYS A 22 1.45 -6.93 -20.81
C CYS A 22 -0.06 -6.82 -20.71
N ALA A 23 -0.70 -7.83 -20.10
CA ALA A 23 -2.15 -7.91 -20.19
C ALA A 23 -2.69 -8.71 -19.02
N ALA A 24 -3.76 -8.22 -18.41
CA ALA A 24 -4.27 -8.75 -17.16
C ALA A 24 -5.17 -9.95 -17.41
N SER A 25 -5.90 -10.35 -16.38
CA SER A 25 -6.84 -11.45 -16.46
C SER A 25 -7.75 -11.36 -15.25
N GLY A 26 -8.53 -12.41 -15.01
CA GLY A 26 -9.30 -12.49 -13.78
C GLY A 26 -10.17 -11.27 -13.65
N PHE A 27 -10.19 -10.71 -12.45
CA PHE A 27 -11.02 -9.54 -12.21
C PHE A 27 -10.49 -8.38 -13.03
N ASN A 28 -11.37 -7.43 -13.35
CA ASN A 28 -10.94 -6.18 -13.93
C ASN A 28 -10.66 -5.22 -12.78
N LEU A 29 -9.40 -4.78 -12.68
CA LEU A 29 -9.08 -3.76 -11.70
C LEU A 29 -9.66 -2.41 -12.08
N SER A 30 -9.27 -1.88 -13.25
CA SER A 30 -9.89 -0.74 -13.87
C SER A 30 -9.87 0.50 -13.00
N TYR A 31 -9.40 0.42 -11.78
CA TYR A 31 -9.36 1.63 -10.98
C TYR A 31 -7.96 1.86 -10.46
N SER A 32 -7.43 0.87 -9.75
CA SER A 32 -6.04 0.79 -9.34
C SER A 32 -5.46 -0.52 -9.85
N ASP A 33 -4.36 -0.45 -10.58
CA ASP A 33 -3.94 -1.58 -11.40
C ASP A 33 -2.52 -1.32 -11.86
N ILE A 34 -2.22 -1.80 -13.06
CA ILE A 34 -0.86 -1.97 -13.57
C ILE A 34 0.06 -0.85 -13.14
N HIS A 35 1.32 -1.21 -12.90
CA HIS A 35 2.30 -0.32 -12.34
C HIS A 35 3.60 -0.27 -13.10
N TRP A 36 3.93 -1.29 -13.87
CA TRP A 36 5.19 -1.33 -14.58
C TRP A 36 6.40 -0.83 -13.79
N VAL A 37 6.67 -1.47 -12.66
CA VAL A 37 7.95 -1.29 -11.97
C VAL A 37 9.04 -1.91 -12.82
N ARG A 38 10.18 -1.24 -12.95
CA ARG A 38 11.27 -1.84 -13.69
C ARG A 38 12.48 -2.10 -12.79
N GLN A 39 13.28 -3.11 -13.17
CA GLN A 39 14.47 -3.47 -12.44
C GLN A 39 15.63 -3.74 -13.38
N ALA A 40 16.82 -3.64 -12.83
CA ALA A 40 18.08 -4.09 -13.41
C ALA A 40 18.61 -5.14 -12.44
N PRO A 41 19.71 -5.84 -12.74
CA PRO A 41 20.12 -6.93 -11.85
C PRO A 41 20.57 -6.47 -10.47
N GLY A 42 19.60 -6.24 -9.59
CA GLY A 42 19.87 -5.90 -8.20
C GLY A 42 19.39 -4.54 -7.76
N LYS A 43 18.29 -4.06 -8.35
CA LYS A 43 17.78 -2.71 -8.11
C LYS A 43 16.27 -2.78 -8.20
N GLY A 44 15.62 -1.63 -8.45
CA GLY A 44 14.25 -1.60 -8.90
C GLY A 44 13.63 -0.21 -9.00
N LEU A 45 12.97 0.08 -10.10
CA LEU A 45 12.57 1.44 -10.45
C LEU A 45 11.14 1.46 -10.95
N GLU A 46 10.41 2.51 -10.62
CA GLU A 46 9.00 2.66 -10.99
C GLU A 46 8.91 3.72 -12.08
N TRP A 47 9.05 3.28 -13.33
CA TRP A 47 9.01 4.18 -14.47
C TRP A 47 7.58 4.45 -14.90
N VAL A 48 7.42 4.95 -16.14
CA VAL A 48 6.12 5.36 -16.66
C VAL A 48 5.13 4.22 -16.51
N ALA A 49 3.85 4.56 -16.52
CA ALA A 49 2.77 3.62 -16.29
C ALA A 49 2.67 3.24 -14.81
N VAL A 50 2.78 4.24 -13.95
CA VAL A 50 2.16 4.18 -12.63
C VAL A 50 0.68 4.33 -12.90
N VAL A 51 -0.19 4.19 -11.88
CA VAL A 51 -1.51 3.60 -12.05
C VAL A 51 -2.12 4.02 -13.36
N MET A 52 -2.13 3.10 -14.32
CA MET A 52 -2.51 3.38 -15.69
C MET A 52 -3.97 3.15 -16.10
N PRO A 53 -4.63 2.05 -15.68
CA PRO A 53 -5.88 1.67 -16.35
C PRO A 53 -6.94 2.75 -16.32
N ASP A 54 -7.05 3.39 -15.16
CA ASP A 54 -8.01 4.42 -14.85
C ASP A 54 -7.55 4.90 -13.48
N SER A 55 -8.16 5.99 -12.98
CA SER A 55 -7.66 6.79 -11.86
C SER A 55 -6.52 7.69 -12.33
N GLY A 56 -6.32 7.83 -13.64
CA GLY A 56 -5.59 8.91 -14.29
C GLY A 56 -4.19 9.13 -13.78
N HIS A 57 -3.62 10.29 -14.16
CA HIS A 57 -2.24 10.67 -13.90
C HIS A 57 -1.34 9.46 -14.00
N THR A 58 -1.27 8.83 -15.15
CA THR A 58 -0.68 7.51 -15.22
C THR A 58 0.84 7.59 -15.09
N ASN A 59 1.33 8.67 -14.50
CA ASN A 59 2.72 8.76 -14.06
C ASN A 59 2.84 9.37 -12.67
N TYR A 60 2.07 8.87 -11.70
CA TYR A 60 2.37 9.24 -10.32
C TYR A 60 3.78 8.77 -9.98
N ALA A 61 4.69 9.74 -9.83
CA ALA A 61 6.13 9.49 -9.61
C ALA A 61 6.81 8.95 -10.88
N ASP A 62 6.59 9.64 -12.01
CA ASP A 62 7.33 9.33 -13.23
C ASP A 62 8.82 9.52 -13.06
N SER A 63 9.25 10.79 -12.96
CA SER A 63 10.66 11.17 -12.96
C SER A 63 11.40 10.64 -14.19
N VAL A 64 10.70 10.49 -15.31
CA VAL A 64 11.35 10.29 -16.61
C VAL A 64 10.31 10.59 -17.67
N LYS A 65 10.76 10.99 -18.85
CA LYS A 65 9.84 11.45 -19.89
C LYS A 65 10.54 11.37 -21.24
N GLY A 66 9.78 11.60 -22.31
CA GLY A 66 10.30 11.59 -23.66
C GLY A 66 10.13 10.26 -24.37
N ARG A 67 10.75 9.22 -23.83
CA ARG A 67 10.75 7.91 -24.48
C ARG A 67 9.94 6.85 -23.75
N PHE A 68 9.73 6.99 -22.45
CA PHE A 68 8.85 6.10 -21.70
C PHE A 68 7.43 6.66 -21.75
N THR A 69 6.51 5.88 -22.31
CA THR A 69 5.31 6.44 -22.90
C THR A 69 4.05 5.88 -22.24
N ILE A 70 3.14 6.79 -21.88
CA ILE A 70 1.79 6.41 -21.47
C ILE A 70 1.05 5.85 -22.67
N SER A 71 0.66 4.57 -22.59
CA SER A 71 0.07 3.91 -23.76
C SER A 71 -1.37 3.46 -23.54
N ALA A 72 -1.66 2.64 -22.53
CA ALA A 72 -2.97 2.00 -22.52
C ALA A 72 -3.75 2.20 -21.24
N ASP A 73 -4.85 1.47 -21.07
CA ASP A 73 -5.79 1.75 -20.01
C ASP A 73 -6.57 0.47 -19.70
N THR A 74 -7.69 0.61 -19.01
CA THR A 74 -8.44 -0.54 -18.53
C THR A 74 -9.32 -1.22 -19.57
N SER A 75 -8.75 -1.63 -20.68
CA SER A 75 -9.46 -2.40 -21.68
C SER A 75 -9.46 -3.90 -21.38
N LYS A 76 -9.17 -4.30 -20.13
CA LYS A 76 -8.89 -5.64 -19.62
C LYS A 76 -7.49 -6.08 -19.96
N ASN A 77 -6.77 -5.33 -20.78
CA ASN A 77 -5.37 -5.57 -21.08
C ASN A 77 -4.61 -4.27 -20.82
N THR A 78 -3.97 -4.22 -19.65
CA THR A 78 -3.97 -2.99 -18.88
C THR A 78 -2.80 -2.07 -19.21
N ALA A 79 -1.85 -2.48 -20.06
CA ALA A 79 -1.00 -1.48 -20.70
C ALA A 79 -0.21 -2.09 -21.86
N TYR A 80 0.29 -1.21 -22.75
CA TYR A 80 1.19 -1.60 -23.83
C TYR A 80 2.36 -0.60 -23.92
N LEU A 81 3.41 -0.76 -23.11
CA LEU A 81 4.38 0.33 -23.03
C LEU A 81 5.38 0.35 -24.18
N GLN A 82 5.84 1.55 -24.50
CA GLN A 82 6.71 1.78 -25.64
C GLN A 82 8.05 2.33 -25.20
N MET A 83 9.12 1.89 -25.88
CA MET A 83 10.47 2.21 -25.43
C MET A 83 10.99 3.52 -26.01
N ASN A 84 10.90 3.71 -27.33
CA ASN A 84 11.59 4.79 -28.04
C ASN A 84 13.07 4.83 -27.70
N SER A 85 13.71 3.68 -27.53
CA SER A 85 15.14 3.67 -27.26
C SER A 85 15.72 2.33 -27.68
N LEU A 86 16.93 2.37 -28.21
CA LEU A 86 17.58 1.18 -28.70
C LEU A 86 19.02 1.05 -28.26
N ARG A 87 19.57 2.03 -27.55
CA ARG A 87 20.96 1.98 -27.08
C ARG A 87 21.13 2.32 -25.62
N ALA A 88 20.38 3.28 -25.10
CA ALA A 88 20.61 3.80 -23.76
C ALA A 88 19.55 3.26 -22.80
N GLU A 89 20.00 2.66 -21.71
CA GLU A 89 19.13 2.09 -20.69
C GLU A 89 18.06 1.21 -21.32
N ASP A 90 18.50 0.28 -22.15
CA ASP A 90 17.63 -0.64 -22.88
C ASP A 90 17.85 -2.07 -22.42
N THR A 91 17.99 -2.26 -21.12
CA THR A 91 18.50 -3.52 -20.62
C THR A 91 17.74 -4.00 -19.38
N ALA A 92 16.64 -3.35 -19.02
CA ALA A 92 15.96 -3.70 -17.80
C ALA A 92 15.08 -4.93 -17.99
N VAL A 93 14.41 -5.33 -16.93
CA VAL A 93 13.36 -6.34 -16.99
C VAL A 93 12.11 -5.69 -16.44
N TYR A 94 11.30 -5.16 -17.35
CA TYR A 94 10.12 -4.41 -16.97
C TYR A 94 9.07 -5.33 -16.39
N TYR A 95 8.27 -4.80 -15.49
CA TYR A 95 7.33 -5.65 -14.76
C TYR A 95 5.94 -5.06 -14.73
N CYS A 96 5.04 -5.67 -13.95
CA CYS A 96 3.62 -5.34 -14.00
C CYS A 96 3.00 -5.76 -12.67
N SER A 97 2.61 -4.83 -11.83
CA SER A 97 2.00 -5.21 -10.56
C SER A 97 0.51 -5.47 -10.76
N ARG A 98 0.23 -6.53 -11.51
CA ARG A 98 -1.12 -6.87 -11.95
C ARG A 98 -1.98 -7.48 -10.89
N ALA A 99 -1.96 -6.97 -9.72
CA ALA A 99 -3.01 -7.30 -8.79
C ALA A 99 -3.31 -6.14 -7.90
N THR A 100 -2.72 -4.97 -8.14
CA THR A 100 -2.75 -3.91 -7.15
C THR A 100 -4.17 -3.44 -6.96
N ASN A 101 -4.75 -3.82 -5.84
CA ASN A 101 -6.16 -3.79 -5.58
C ASN A 101 -6.54 -3.39 -4.18
N ILE A 102 -5.70 -3.67 -3.21
CA ILE A 102 -5.89 -3.26 -1.81
C ILE A 102 -4.53 -2.92 -1.23
N PRO A 103 -4.48 -2.01 -0.25
CA PRO A 103 -3.21 -1.82 0.45
C PRO A 103 -2.64 -3.13 1.00
N VAL A 104 -3.48 -4.01 1.54
CA VAL A 104 -3.01 -5.29 2.06
C VAL A 104 -3.87 -6.44 1.52
N TYR A 105 -3.54 -6.92 0.32
CA TYR A 105 -3.80 -8.26 -0.22
C TYR A 105 -2.72 -8.57 -1.23
N ALA A 106 -2.63 -9.84 -1.60
CA ALA A 106 -1.48 -10.32 -2.35
C ALA A 106 -1.31 -9.51 -3.61
N PHE A 107 -0.10 -9.03 -3.85
CA PHE A 107 0.18 -8.24 -5.05
C PHE A 107 0.77 -9.19 -6.05
N ASP A 108 -0.09 -9.92 -6.74
CA ASP A 108 0.40 -10.94 -7.65
C ASP A 108 1.07 -10.19 -8.79
N TYR A 109 2.33 -9.87 -8.58
CA TYR A 109 3.06 -9.10 -9.57
C TYR A 109 3.03 -9.73 -10.95
N TRP A 110 3.97 -10.58 -11.23
CA TRP A 110 4.37 -10.67 -12.62
C TRP A 110 5.31 -11.83 -12.80
N GLY A 111 5.73 -12.08 -14.03
CA GLY A 111 6.72 -13.11 -14.22
C GLY A 111 7.73 -12.83 -15.29
N GLN A 112 7.76 -11.62 -15.87
CA GLN A 112 8.54 -11.51 -17.10
C GLN A 112 8.61 -10.03 -17.50
N GLY A 113 9.38 -9.77 -18.54
CA GLY A 113 9.65 -8.45 -19.05
C GLY A 113 11.12 -8.47 -19.37
N THR A 114 11.54 -7.92 -20.51
CA THR A 114 12.91 -8.15 -20.94
C THR A 114 13.47 -6.90 -21.59
N LEU A 115 14.50 -7.11 -22.40
CA LEU A 115 15.50 -6.11 -22.71
C LEU A 115 15.91 -6.28 -24.16
N VAL A 116 17.03 -5.68 -24.55
CA VAL A 116 17.71 -6.14 -25.74
C VAL A 116 18.85 -7.08 -25.39
N THR A 117 19.92 -6.53 -24.81
CA THR A 117 21.14 -7.20 -24.34
C THR A 117 22.04 -6.03 -23.94
N VAL A 118 23.19 -6.27 -23.32
CA VAL A 118 24.17 -5.18 -23.32
C VAL A 118 24.76 -5.01 -24.72
N SER A 119 24.93 -6.11 -25.45
CA SER A 119 25.35 -6.04 -26.85
C SER A 119 24.14 -5.79 -27.75
N SER A 120 24.42 -5.48 -29.02
CA SER A 120 23.39 -5.10 -29.97
C SER A 120 23.61 -5.76 -31.34
N ALA A 121 22.59 -5.64 -32.19
CA ALA A 121 22.70 -5.90 -33.62
C ALA A 121 22.87 -7.38 -33.96
N SER A 122 21.84 -8.17 -33.66
CA SER A 122 21.64 -9.48 -34.31
C SER A 122 22.83 -10.41 -34.16
N THR A 123 23.06 -10.91 -32.94
CA THR A 123 24.27 -11.68 -32.63
C THR A 123 24.54 -12.76 -33.67
N LYS A 124 25.83 -13.02 -33.89
CA LYS A 124 26.29 -14.00 -34.87
C LYS A 124 26.01 -15.42 -34.39
N GLY A 125 26.19 -16.37 -35.30
CA GLY A 125 26.06 -17.77 -35.03
C GLY A 125 27.09 -18.30 -34.05
N PRO A 126 26.72 -19.37 -33.35
CA PRO A 126 27.54 -19.86 -32.24
C PRO A 126 28.83 -20.52 -32.71
N SER A 127 29.72 -20.75 -31.75
CA SER A 127 30.84 -21.67 -31.91
C SER A 127 30.86 -22.62 -30.70
N VAL A 128 30.95 -23.93 -30.96
CA VAL A 128 30.78 -24.96 -29.94
C VAL A 128 32.12 -25.62 -29.61
N PHE A 129 32.49 -25.60 -28.34
CA PHE A 129 33.80 -26.04 -27.86
C PHE A 129 33.66 -26.96 -26.66
N PRO A 130 33.93 -28.25 -26.79
CA PRO A 130 33.95 -29.13 -25.61
C PRO A 130 35.24 -28.97 -24.82
N LEU A 131 35.21 -29.41 -23.57
CA LEU A 131 36.38 -29.44 -22.71
C LEU A 131 36.66 -30.88 -22.30
N ALA A 132 37.88 -31.33 -22.52
CA ALA A 132 38.25 -32.72 -22.27
C ALA A 132 39.07 -32.83 -21.00
N PRO A 133 38.66 -33.66 -20.05
CA PRO A 133 39.34 -33.67 -18.73
C PRO A 133 40.79 -34.11 -18.82
N SER A 134 41.62 -33.51 -17.96
CA SER A 134 43.04 -33.84 -17.94
C SER A 134 43.30 -35.23 -17.37
N SER A 135 42.56 -35.60 -16.32
CA SER A 135 42.77 -36.85 -15.59
C SER A 135 44.17 -36.91 -15.01
N SER A 139 40.46 -36.18 -13.43
CA SER A 139 39.48 -37.23 -13.22
C SER A 139 39.44 -37.63 -11.75
N GLY A 140 40.42 -37.14 -10.99
CA GLY A 140 40.40 -37.37 -9.56
C GLY A 140 39.20 -36.72 -8.92
N GLY A 141 38.56 -37.45 -8.00
CA GLY A 141 37.33 -36.97 -7.40
C GLY A 141 36.26 -36.80 -8.47
N THR A 142 35.71 -35.58 -8.56
CA THR A 142 34.73 -35.30 -9.60
C THR A 142 35.39 -35.35 -10.96
N ALA A 143 34.77 -36.08 -11.89
CA ALA A 143 35.24 -36.18 -13.26
C ALA A 143 34.23 -35.49 -14.17
N ALA A 144 34.68 -34.43 -14.84
CA ALA A 144 33.80 -33.63 -15.67
C ALA A 144 34.45 -33.39 -17.03
N LEU A 145 33.68 -33.59 -18.09
CA LEU A 145 34.07 -33.25 -19.44
C LEU A 145 33.20 -32.08 -19.88
N GLY A 146 33.82 -30.94 -20.13
CA GLY A 146 33.06 -29.73 -20.37
C GLY A 146 32.67 -29.55 -21.81
N CYS A 147 31.61 -28.78 -22.02
CA CYS A 147 31.17 -28.39 -23.35
C CYS A 147 30.80 -26.92 -23.30
N LEU A 148 31.42 -26.12 -24.18
CA LEU A 148 31.22 -24.67 -24.17
C LEU A 148 30.83 -24.21 -25.57
N VAL A 149 29.87 -23.28 -25.64
CA VAL A 149 29.41 -22.74 -26.91
C VAL A 149 29.46 -21.21 -26.81
N LYS A 150 29.92 -20.57 -27.87
CA LYS A 150 30.27 -19.16 -27.80
C LYS A 150 29.59 -18.38 -28.93
N ASP A 151 29.57 -17.06 -28.79
CA ASP A 151 29.09 -16.13 -29.83
C ASP A 151 27.62 -16.23 -30.23
N TYR A 152 26.71 -15.89 -29.32
CA TYR A 152 25.28 -15.86 -29.62
C TYR A 152 24.59 -14.94 -28.62
N PHE A 153 23.27 -15.06 -28.54
CA PHE A 153 22.45 -14.22 -27.67
C PHE A 153 22.65 -14.58 -26.20
N PRO A 154 22.23 -13.70 -25.29
CA PRO A 154 22.17 -14.08 -23.86
C PRO A 154 21.22 -15.21 -23.56
N GLU A 155 20.23 -15.46 -24.41
CA GLU A 155 19.11 -16.32 -24.06
C GLU A 155 19.54 -17.75 -23.76
N PRO A 156 18.83 -18.45 -22.87
CA PRO A 156 19.26 -19.79 -22.46
C PRO A 156 19.02 -20.85 -23.52
N VAL A 157 19.62 -22.03 -23.28
CA VAL A 157 19.71 -23.09 -24.27
C VAL A 157 19.09 -24.38 -23.77
N THR A 158 19.08 -25.40 -24.63
CA THR A 158 18.89 -26.80 -24.24
C THR A 158 20.07 -27.61 -24.76
N VAL A 159 20.67 -28.41 -23.90
CA VAL A 159 21.88 -29.17 -24.22
C VAL A 159 21.56 -30.65 -24.17
N SER A 160 22.05 -31.40 -25.15
CA SER A 160 21.83 -32.84 -25.23
C SER A 160 23.15 -33.58 -25.08
N TRP A 161 23.16 -34.57 -24.19
CA TRP A 161 24.33 -35.39 -23.91
C TRP A 161 23.96 -36.87 -23.95
N ASN A 162 25.00 -37.70 -24.14
CA ASN A 162 24.83 -39.14 -24.35
C ASN A 162 23.89 -39.41 -25.52
N SER A 163 24.12 -38.71 -26.63
CA SER A 163 23.23 -38.74 -27.79
C SER A 163 21.84 -38.23 -27.44
N GLY A 164 21.78 -37.31 -26.47
CA GLY A 164 20.54 -36.79 -25.98
C GLY A 164 19.85 -37.66 -24.96
N ALA A 165 20.37 -38.87 -24.71
CA ALA A 165 19.73 -39.76 -23.75
C ALA A 165 19.89 -39.23 -22.33
N LEU A 166 21.09 -38.78 -21.98
CA LEU A 166 21.42 -38.40 -20.62
C LEU A 166 21.59 -36.90 -20.55
N THR A 167 20.60 -36.22 -19.98
CA THR A 167 20.74 -34.81 -19.65
C THR A 167 21.21 -34.60 -18.21
N SER A 168 21.36 -35.67 -17.43
CA SER A 168 21.86 -35.52 -16.07
C SER A 168 23.34 -35.18 -16.07
N GLY A 169 23.75 -34.37 -15.09
CA GLY A 169 25.12 -33.95 -14.94
C GLY A 169 25.48 -32.69 -15.69
N VAL A 170 24.68 -32.26 -16.66
CA VAL A 170 25.03 -31.11 -17.47
C VAL A 170 24.93 -29.84 -16.63
N HIS A 171 25.72 -28.84 -17.00
CA HIS A 171 25.69 -27.55 -16.32
C HIS A 171 25.02 -26.53 -17.24
N THR A 172 23.89 -26.00 -16.79
CA THR A 172 23.26 -24.87 -17.47
C THR A 172 23.98 -23.59 -17.08
N PHE A 173 24.33 -22.78 -18.08
CA PHE A 173 25.22 -21.66 -17.85
C PHE A 173 24.60 -20.40 -18.43
N PRO A 174 24.54 -19.32 -17.67
CA PRO A 174 24.15 -18.02 -18.26
C PRO A 174 25.33 -17.41 -19.00
N ALA A 175 25.01 -16.35 -19.74
CA ALA A 175 25.97 -15.68 -20.62
C ALA A 175 26.19 -14.26 -20.14
N VAL A 176 27.44 -13.79 -20.20
CA VAL A 176 27.77 -12.40 -19.96
C VAL A 176 28.50 -11.85 -21.18
N LEU A 177 28.49 -10.53 -21.31
CA LEU A 177 29.15 -9.88 -22.44
C LEU A 177 30.66 -10.11 -22.37
N GLN A 178 31.27 -10.27 -23.54
CA GLN A 178 32.70 -10.51 -23.65
C GLN A 178 33.27 -9.49 -24.62
N SER A 179 34.58 -9.60 -24.88
CA SER A 179 35.19 -8.72 -25.87
C SER A 179 34.59 -8.91 -27.25
N SER A 180 34.04 -10.10 -27.52
CA SER A 180 33.41 -10.34 -28.82
C SER A 180 32.18 -9.48 -29.02
N GLY A 181 31.47 -9.18 -27.93
CA GLY A 181 30.15 -8.60 -28.07
C GLY A 181 29.06 -9.62 -28.31
N LEU A 182 29.38 -10.90 -28.19
CA LEU A 182 28.46 -11.98 -28.48
C LEU A 182 28.36 -12.87 -27.25
N TYR A 183 27.15 -13.12 -26.77
CA TYR A 183 27.00 -13.80 -25.49
C TYR A 183 27.25 -15.30 -25.64
N SER A 184 27.87 -15.88 -24.60
CA SER A 184 28.34 -17.27 -24.65
C SER A 184 28.03 -17.98 -23.34
N LEU A 185 27.77 -19.29 -23.43
CA LEU A 185 27.57 -20.12 -22.25
C LEU A 185 27.98 -21.56 -22.57
N SER A 186 28.21 -22.33 -21.50
CA SER A 186 28.84 -23.64 -21.60
C SER A 186 27.96 -24.69 -20.92
N SER A 187 28.23 -25.96 -21.23
CA SER A 187 27.60 -27.08 -20.53
C SER A 187 28.68 -28.10 -20.14
N VAL A 188 29.27 -27.92 -18.96
CA VAL A 188 30.14 -28.93 -18.41
C VAL A 188 29.29 -30.03 -17.79
N VAL A 189 29.64 -31.29 -18.05
CA VAL A 189 28.90 -32.44 -17.53
C VAL A 189 29.84 -33.30 -16.71
N THR A 190 29.33 -33.78 -15.57
CA THR A 190 30.08 -34.65 -14.67
C THR A 190 29.62 -36.09 -14.85
N VAL A 191 30.58 -37.00 -15.02
CA VAL A 191 30.27 -38.42 -15.26
C VAL A 191 31.11 -39.27 -14.31
N PRO A 192 30.51 -40.26 -13.64
CA PRO A 192 31.31 -41.15 -12.78
C PRO A 192 32.22 -42.04 -13.61
N SER A 193 33.40 -42.33 -13.04
CA SER A 193 34.45 -43.03 -13.77
C SER A 193 33.95 -44.31 -14.40
N SER A 194 33.23 -45.13 -13.63
CA SER A 194 32.70 -46.38 -14.18
C SER A 194 31.75 -46.09 -15.34
N SER A 195 30.83 -45.14 -15.16
CA SER A 195 30.00 -44.70 -16.27
C SER A 195 30.84 -44.01 -17.32
N LEU A 196 31.87 -43.27 -16.90
CA LEU A 196 32.77 -42.61 -17.84
C LEU A 196 33.46 -43.62 -18.74
N GLY A 197 33.91 -44.74 -18.18
CA GLY A 197 34.53 -45.76 -19.00
C GLY A 197 33.57 -46.40 -19.98
N THR A 198 32.37 -46.75 -19.51
CA THR A 198 31.46 -47.56 -20.32
C THR A 198 30.90 -46.80 -21.52
N GLN A 199 30.42 -45.59 -21.30
CA GLN A 199 29.59 -44.90 -22.29
C GLN A 199 30.37 -43.77 -22.98
N THR A 200 30.31 -43.76 -24.30
CA THR A 200 30.91 -42.68 -25.09
C THR A 200 30.11 -41.39 -24.93
N TYR A 201 30.78 -40.26 -25.15
CA TYR A 201 30.27 -38.95 -24.79
C TYR A 201 29.86 -38.20 -26.05
N ILE A 202 28.65 -37.65 -26.04
CA ILE A 202 28.11 -36.87 -27.15
C ILE A 202 27.56 -35.56 -26.58
N CYS A 203 27.91 -34.43 -27.20
CA CYS A 203 27.40 -33.12 -26.80
C CYS A 203 26.58 -32.53 -27.94
N ASN A 204 25.35 -32.11 -27.63
CA ASN A 204 24.49 -31.44 -28.60
C ASN A 204 23.91 -30.19 -27.95
N VAL A 205 23.97 -29.07 -28.67
CA VAL A 205 23.58 -27.77 -28.15
C VAL A 205 22.51 -27.16 -29.04
N ASN A 206 21.49 -26.55 -28.43
CA ASN A 206 20.31 -26.03 -29.12
C ASN A 206 19.93 -24.67 -28.55
N HIS A 207 20.37 -23.58 -29.21
CA HIS A 207 20.00 -22.22 -28.82
C HIS A 207 19.16 -21.61 -29.94
N LYS A 208 17.88 -21.40 -29.68
CA LYS A 208 17.01 -20.87 -30.73
C LYS A 208 17.42 -19.47 -31.19
N PRO A 209 17.83 -18.52 -30.31
CA PRO A 209 18.32 -17.24 -30.85
C PRO A 209 19.53 -17.39 -31.73
N SER A 210 20.35 -18.41 -31.46
CA SER A 210 21.55 -18.66 -32.27
C SER A 210 21.18 -19.07 -33.69
N ASN A 211 20.13 -19.89 -33.84
CA ASN A 211 19.57 -20.35 -35.10
C ASN A 211 20.44 -21.39 -35.79
N THR A 212 21.67 -21.56 -35.31
CA THR A 212 22.47 -22.72 -35.67
C THR A 212 22.52 -23.70 -34.50
N LYS A 213 22.41 -24.99 -34.80
CA LYS A 213 22.48 -26.04 -33.80
C LYS A 213 23.56 -27.04 -34.21
N VAL A 214 24.40 -27.43 -33.26
CA VAL A 214 25.52 -28.32 -33.55
C VAL A 214 25.53 -29.49 -32.58
N ASP A 215 26.06 -30.60 -33.05
CA ASP A 215 26.34 -31.78 -32.24
C ASP A 215 27.85 -31.96 -32.16
N LYS A 216 28.37 -32.14 -30.95
CA LYS A 216 29.81 -32.25 -30.73
C LYS A 216 30.13 -33.60 -30.10
N LYS A 217 31.15 -34.27 -30.64
CA LYS A 217 31.54 -35.61 -30.23
C LYS A 217 32.95 -35.58 -29.65
N VAL A 218 33.10 -36.21 -28.48
CA VAL A 218 34.41 -36.41 -27.85
C VAL A 218 34.58 -37.90 -27.57
N GLU A 219 35.75 -38.43 -27.90
CA GLU A 219 36.07 -39.82 -27.71
C GLU A 219 37.25 -39.96 -26.73
N PRO A 220 37.19 -40.90 -25.78
CA PRO A 220 38.24 -41.09 -24.77
C PRO A 220 39.58 -41.46 -25.38
N VAL B 1 -16.09 -1.72 17.51
CA VAL B 1 -14.85 -2.22 16.92
C VAL B 1 -14.76 -1.95 15.43
N VAL B 2 -13.66 -1.33 15.04
CA VAL B 2 -13.42 -1.08 13.63
C VAL B 2 -13.32 -2.40 12.89
N VAL B 3 -13.62 -2.37 11.59
CA VAL B 3 -13.47 -3.54 10.76
C VAL B 3 -12.08 -4.11 10.94
N GLY B 4 -12.01 -5.39 11.28
CA GLY B 4 -10.72 -5.98 11.60
C GLY B 4 -9.80 -6.05 10.40
N ALA B 5 -10.28 -6.60 9.30
CA ALA B 5 -9.38 -6.86 8.18
C ALA B 5 -9.04 -5.57 7.45
N VAL B 6 -7.89 -5.59 6.79
CA VAL B 6 -7.61 -4.53 5.83
C VAL B 6 -8.63 -4.63 4.72
N GLY B 7 -9.48 -3.63 4.63
CA GLY B 7 -10.54 -3.65 3.65
C GLY B 7 -10.01 -3.45 2.25
N VAL B 8 -10.86 -3.76 1.29
CA VAL B 8 -10.52 -3.47 -0.09
C VAL B 8 -10.45 -1.96 -0.29
N GLY B 9 -9.50 -1.52 -1.10
CA GLY B 9 -9.39 -0.10 -1.37
C GLY B 9 -10.60 0.42 -2.11
N LYS B 10 -11.00 1.64 -1.79
CA LYS B 10 -12.10 2.29 -2.47
C LYS B 10 -11.73 2.65 -3.89
N ASP C 1 16.91 12.58 2.48
CA ASP C 1 15.88 12.17 1.52
C ASP C 1 15.20 10.89 2.00
N ILE C 2 14.86 10.02 1.05
CA ILE C 2 14.37 8.69 1.34
C ILE C 2 15.49 7.74 0.95
N GLN C 3 15.99 6.99 1.93
CA GLN C 3 17.07 6.04 1.67
C GLN C 3 16.74 4.77 2.43
N MET C 4 16.49 3.68 1.71
CA MET C 4 16.12 2.40 2.32
C MET C 4 17.37 1.54 2.44
N THR C 5 17.85 1.37 3.66
CA THR C 5 19.08 0.63 3.90
C THR C 5 18.74 -0.75 4.46
N GLN C 6 19.46 -1.75 3.99
CA GLN C 6 18.98 -3.12 3.97
C GLN C 6 19.39 -3.99 5.14
N SER C 7 20.30 -3.52 6.00
CA SER C 7 20.71 -4.16 7.26
C SER C 7 20.60 -5.68 7.22
N PRO C 8 21.27 -6.35 6.29
CA PRO C 8 20.93 -7.75 5.96
C PRO C 8 21.32 -8.81 6.97
N SER C 9 21.18 -10.06 6.54
CA SER C 9 21.63 -11.26 7.23
C SER C 9 21.51 -12.41 6.24
N SER C 10 22.24 -13.49 6.49
CA SER C 10 22.41 -14.50 5.44
C SER C 10 22.98 -15.79 6.02
N LEU C 11 23.34 -16.70 5.10
CA LEU C 11 24.26 -17.83 5.20
C LEU C 11 23.69 -19.09 5.85
N SER C 12 22.48 -19.09 6.39
CA SER C 12 22.09 -20.22 7.24
C SER C 12 20.59 -20.44 7.19
N ALA C 13 20.17 -21.51 6.50
CA ALA C 13 18.78 -21.93 6.56
C ALA C 13 18.61 -23.45 6.61
N SER C 14 19.64 -24.21 6.96
CA SER C 14 19.80 -25.59 6.54
C SER C 14 18.50 -26.37 6.42
N VAL C 15 17.73 -26.45 7.50
CA VAL C 15 16.40 -27.02 7.43
C VAL C 15 15.42 -26.15 8.19
N GLY C 16 15.91 -25.42 9.19
CA GLY C 16 15.02 -24.67 10.05
C GLY C 16 15.62 -23.40 10.60
N ASP C 17 16.78 -23.00 10.05
CA ASP C 17 17.56 -21.94 10.68
C ASP C 17 16.84 -20.60 10.63
N ARG C 18 16.43 -20.11 11.78
CA ARG C 18 15.78 -18.82 11.90
C ARG C 18 16.72 -17.70 11.52
N VAL C 19 16.22 -16.75 10.73
CA VAL C 19 16.99 -15.62 10.23
C VAL C 19 16.16 -14.36 10.43
N THR C 20 16.80 -13.27 10.83
CA THR C 20 16.16 -11.97 10.94
C THR C 20 16.83 -10.98 10.01
N ILE C 21 16.05 -10.34 9.15
CA ILE C 21 16.53 -9.33 8.22
C ILE C 21 15.85 -8.02 8.57
N THR C 22 16.60 -6.93 8.52
CA THR C 22 16.11 -5.62 8.93
C THR C 22 16.39 -4.60 7.84
N CYS C 23 15.59 -3.54 7.77
CA CYS C 23 15.85 -2.46 6.83
C CYS C 23 15.69 -1.10 7.48
N ARG C 24 16.55 -0.16 7.07
CA ARG C 24 16.62 1.20 7.60
C ARG C 24 16.17 2.23 6.57
N ALA C 25 15.63 3.34 7.06
CA ALA C 25 15.15 4.44 6.23
C ALA C 25 15.62 5.78 6.76
N SER C 26 15.61 6.78 5.88
CA SER C 26 15.90 8.18 6.20
C SER C 26 14.64 9.03 6.37
N GLN C 27 13.47 8.41 6.31
CA GLN C 27 12.16 9.00 6.55
C GLN C 27 11.48 8.24 7.68
N ASP C 28 10.33 8.73 8.11
CA ASP C 28 9.66 8.14 9.25
C ASP C 28 8.33 7.54 8.80
N VAL C 29 8.09 6.29 9.20
CA VAL C 29 6.91 5.52 8.82
C VAL C 29 5.90 5.55 9.95
N ASN C 30 4.68 5.07 9.72
CA ASN C 30 3.73 4.93 10.83
C ASN C 30 3.83 3.54 11.46
N THR C 31 3.44 2.50 10.70
CA THR C 31 3.63 1.13 11.15
C THR C 31 3.93 0.19 9.98
N ALA C 32 4.79 0.56 9.04
CA ALA C 32 4.85 -0.37 7.91
C ALA C 32 6.02 -0.11 6.98
N VAL C 33 6.43 -1.17 6.27
CA VAL C 33 7.14 -1.15 4.99
C VAL C 33 6.52 -2.24 4.12
N ALA C 34 7.13 -2.54 2.98
CA ALA C 34 6.74 -3.69 2.17
C ALA C 34 7.89 -4.67 2.04
N TRP C 35 7.56 -5.94 1.84
CA TRP C 35 8.55 -7.00 1.70
C TRP C 35 8.29 -7.79 0.43
N TYR C 36 9.36 -8.36 -0.12
CA TYR C 36 9.32 -8.82 -1.50
C TYR C 36 10.44 -9.84 -1.73
N GLN C 37 10.10 -11.13 -1.77
CA GLN C 37 11.11 -12.09 -2.20
C GLN C 37 11.51 -11.79 -3.62
N GLN C 38 12.59 -12.43 -4.03
CA GLN C 38 12.98 -12.42 -5.43
C GLN C 38 13.77 -13.71 -5.65
N LYS C 39 13.08 -14.74 -6.11
CA LYS C 39 13.69 -16.04 -6.22
C LYS C 39 14.87 -15.99 -7.19
N PRO C 40 15.91 -16.78 -6.97
CA PRO C 40 17.14 -16.60 -7.74
C PRO C 40 16.97 -16.88 -9.22
N GLY C 41 17.12 -15.85 -10.04
CA GLY C 41 17.09 -15.99 -11.48
C GLY C 41 15.72 -16.04 -12.10
N LYS C 42 14.65 -15.90 -11.33
CA LYS C 42 13.31 -15.95 -11.88
C LYS C 42 12.30 -15.54 -10.81
N ALA C 43 11.16 -15.01 -11.27
CA ALA C 43 9.92 -14.94 -10.50
C ALA C 43 9.98 -14.10 -9.23
N PRO C 44 9.93 -12.78 -9.34
CA PRO C 44 9.63 -11.95 -8.18
C PRO C 44 8.28 -12.27 -7.58
N LYS C 45 8.15 -12.05 -6.27
CA LYS C 45 7.00 -12.54 -5.55
C LYS C 45 6.70 -11.64 -4.37
N LEU C 46 5.43 -11.37 -4.12
CA LEU C 46 5.10 -10.73 -2.88
C LEU C 46 5.50 -11.70 -1.76
N LEU C 47 5.73 -11.15 -0.58
CA LEU C 47 6.03 -11.91 0.61
C LEU C 47 5.21 -11.22 1.69
N ILE C 48 5.60 -11.35 2.95
CA ILE C 48 5.01 -10.53 4.00
C ILE C 48 4.85 -9.11 3.48
N TYR C 49 3.74 -8.44 3.79
CA TYR C 49 3.70 -7.07 3.27
C TYR C 49 4.18 -6.02 4.24
N SER C 50 3.46 -5.82 5.34
CA SER C 50 3.69 -4.61 6.12
C SER C 50 3.97 -4.93 7.56
N ALA C 51 3.75 -3.94 8.40
CA ALA C 51 3.72 -4.15 9.83
C ALA C 51 2.39 -3.66 10.39
N SER C 52 2.04 -4.14 11.57
CA SER C 52 0.82 -3.92 12.35
C SER C 52 -0.34 -4.63 11.69
N PHE C 53 -0.20 -5.05 10.45
CA PHE C 53 -0.96 -5.99 9.68
C PHE C 53 0.03 -6.59 8.69
N LEU C 54 0.56 -7.75 9.04
CA LEU C 54 1.26 -8.52 8.03
C LEU C 54 0.23 -9.15 7.12
N TYR C 55 0.60 -9.36 5.88
CA TYR C 55 -0.17 -10.23 5.03
C TYR C 55 0.81 -11.03 4.19
N SER C 56 0.57 -12.33 4.10
CA SER C 56 1.61 -13.25 3.70
C SER C 56 1.21 -13.91 2.39
N GLY C 57 2.21 -14.36 1.65
CA GLY C 57 1.97 -15.21 0.51
C GLY C 57 1.62 -16.59 0.99
N VAL C 58 1.66 -17.56 0.07
CA VAL C 58 1.41 -18.95 0.46
C VAL C 58 2.55 -19.53 1.27
N PRO C 59 3.82 -19.08 1.14
CA PRO C 59 4.76 -19.38 2.25
C PRO C 59 4.48 -18.53 3.47
N SER C 60 3.53 -18.99 4.28
CA SER C 60 2.94 -18.21 5.38
C SER C 60 3.58 -18.54 6.72
N ARG C 61 4.87 -18.87 6.72
CA ARG C 61 5.60 -19.25 7.92
C ARG C 61 6.47 -18.13 8.49
N PHE C 62 6.70 -17.07 7.71
CA PHE C 62 7.52 -15.94 8.15
C PHE C 62 6.76 -15.04 9.11
N SER C 63 7.49 -14.09 9.69
CA SER C 63 6.91 -12.98 10.40
C SER C 63 7.62 -11.68 10.00
N GLY C 64 6.85 -10.70 9.56
CA GLY C 64 7.34 -9.35 9.34
C GLY C 64 6.78 -8.46 10.44
N SER C 65 7.64 -7.64 11.03
CA SER C 65 7.32 -7.01 12.30
C SER C 65 7.48 -5.51 12.26
N ARG C 66 6.70 -4.85 13.10
CA ARG C 66 6.75 -3.41 13.22
C ARG C 66 7.97 -2.96 14.01
N SER C 67 8.44 -1.76 13.70
CA SER C 67 9.45 -1.10 14.50
C SER C 67 8.96 0.17 15.17
N GLY C 68 7.76 0.65 14.82
CA GLY C 68 7.31 1.92 15.36
C GLY C 68 8.25 2.99 14.92
N THR C 69 9.18 3.34 15.82
CA THR C 69 10.35 4.10 15.43
C THR C 69 11.06 3.38 14.31
N ASP C 70 11.64 4.14 13.39
CA ASP C 70 12.45 3.52 12.35
C ASP C 70 13.87 3.31 12.85
N PHE C 71 14.01 2.44 13.85
CA PHE C 71 15.30 1.77 14.00
C PHE C 71 15.61 0.96 12.75
N THR C 72 14.68 0.10 12.35
CA THR C 72 14.75 -0.80 11.20
C THR C 72 13.30 -1.14 10.83
N LEU C 73 13.12 -2.02 9.85
CA LEU C 73 11.97 -2.91 9.82
C LEU C 73 12.44 -4.32 9.50
N THR C 74 11.80 -5.32 10.13
CA THR C 74 12.38 -6.64 10.35
C THR C 74 11.52 -7.74 9.72
N ILE C 75 12.17 -8.82 9.30
CA ILE C 75 11.51 -10.04 8.83
C ILE C 75 12.17 -11.26 9.46
N SER C 76 11.40 -12.35 9.60
CA SER C 76 11.90 -13.63 10.11
C SER C 76 11.79 -14.70 9.03
N SER C 77 12.91 -15.28 8.65
CA SER C 77 12.95 -16.35 7.67
C SER C 77 13.40 -17.65 8.32
N LEU C 78 12.78 -18.77 7.98
CA LEU C 78 13.06 -20.03 8.67
C LEU C 78 13.59 -21.17 7.80
N GLN C 79 12.90 -21.58 6.76
CA GLN C 79 13.20 -22.85 6.10
C GLN C 79 14.18 -22.67 4.95
N PRO C 80 14.65 -23.78 4.36
CA PRO C 80 15.68 -23.69 3.32
C PRO C 80 15.23 -23.79 1.86
N GLU C 81 13.95 -23.99 1.58
CA GLU C 81 13.51 -23.93 0.20
C GLU C 81 13.18 -22.50 -0.23
N ASP C 82 13.18 -21.58 0.71
CA ASP C 82 12.84 -20.18 0.49
C ASP C 82 14.09 -19.30 0.42
N PHE C 83 14.97 -19.59 -0.53
CA PHE C 83 16.23 -18.84 -0.62
C PHE C 83 16.12 -17.81 -1.74
N ALA C 84 15.93 -16.54 -1.36
CA ALA C 84 15.72 -15.45 -2.30
C ALA C 84 16.26 -14.16 -1.71
N THR C 85 16.64 -13.23 -2.60
CA THR C 85 17.13 -11.92 -2.20
C THR C 85 15.97 -11.06 -1.75
N TYR C 86 15.84 -10.79 -0.47
CA TYR C 86 14.66 -10.07 -0.05
C TYR C 86 14.89 -8.56 -0.11
N TYR C 87 13.82 -7.82 -0.37
CA TYR C 87 13.85 -6.39 -0.58
C TYR C 87 12.96 -5.70 0.44
N CYS C 88 13.29 -4.47 0.78
CA CYS C 88 12.49 -3.67 1.69
C CYS C 88 11.97 -2.50 0.89
N GLN C 89 10.65 -2.32 0.87
CA GLN C 89 9.97 -1.53 -0.14
C GLN C 89 9.13 -0.52 0.62
N GLN C 90 8.74 0.59 0.00
CA GLN C 90 8.26 1.74 0.78
C GLN C 90 6.75 1.80 1.00
N SER C 91 6.37 1.85 2.29
CA SER C 91 5.13 2.28 2.95
C SER C 91 5.17 3.76 3.37
N TYR C 92 4.78 4.10 4.60
CA TYR C 92 3.76 5.04 5.08
C TYR C 92 3.09 6.03 4.15
N TYR C 93 3.76 7.00 3.52
CA TYR C 93 3.00 7.76 2.53
C TYR C 93 2.84 6.92 1.28
N TYR C 94 1.61 6.58 0.94
CA TYR C 94 1.44 5.47 0.01
C TYR C 94 1.94 5.96 -1.33
N PHE C 95 3.24 5.76 -1.55
CA PHE C 95 3.80 5.67 -2.88
C PHE C 95 3.75 4.21 -3.30
N ARG C 96 3.03 3.93 -4.37
CA ARG C 96 3.10 2.63 -5.00
C ARG C 96 4.56 2.40 -5.36
N PRO C 97 5.17 1.24 -5.00
CA PRO C 97 6.61 1.21 -4.69
C PRO C 97 7.50 2.10 -5.54
N ILE C 98 8.11 3.07 -4.87
CA ILE C 98 8.90 4.09 -5.52
C ILE C 98 10.39 3.91 -5.23
N THR C 99 10.74 3.53 -4.01
CA THR C 99 12.13 3.39 -3.58
C THR C 99 12.32 1.97 -3.07
N PHE C 100 13.11 1.19 -3.79
CA PHE C 100 13.39 -0.14 -3.26
C PHE C 100 14.44 -0.04 -2.16
N GLY C 101 14.66 -1.17 -1.49
CA GLY C 101 15.86 -1.36 -0.72
C GLY C 101 17.02 -1.58 -1.66
N GLN C 102 17.92 -2.48 -1.28
CA GLN C 102 19.07 -2.78 -2.11
C GLN C 102 19.37 -4.27 -2.23
N GLY C 103 19.00 -5.10 -1.26
CA GLY C 103 19.22 -6.52 -1.38
C GLY C 103 19.88 -7.16 -0.18
N THR C 104 19.33 -8.30 0.25
CA THR C 104 19.93 -9.17 1.24
C THR C 104 20.07 -10.54 0.59
N LYS C 105 20.34 -11.57 1.36
CA LYS C 105 20.50 -12.89 0.78
C LYS C 105 20.17 -13.94 1.83
N VAL C 106 19.57 -15.04 1.40
CA VAL C 106 19.28 -16.17 2.28
C VAL C 106 19.56 -17.45 1.51
N GLU C 107 20.21 -18.42 2.15
CA GLU C 107 20.53 -19.70 1.52
C GLU C 107 20.41 -20.84 2.54
N ILE C 108 20.29 -22.07 2.02
CA ILE C 108 20.39 -23.27 2.84
C ILE C 108 21.85 -23.55 3.19
N LYS C 109 22.10 -23.94 4.45
CA LYS C 109 23.47 -24.31 4.82
C LYS C 109 23.63 -25.84 4.81
N ARG C 110 24.15 -26.31 3.68
CA ARG C 110 24.96 -27.51 3.68
C ARG C 110 26.39 -27.12 4.01
N THR C 111 27.34 -28.02 3.83
CA THR C 111 28.69 -27.79 4.33
C THR C 111 29.26 -26.50 3.76
N VAL C 112 29.96 -25.75 4.61
CA VAL C 112 30.58 -24.51 4.15
C VAL C 112 31.92 -24.93 3.58
N ALA C 113 31.90 -25.44 2.36
CA ALA C 113 33.03 -26.16 1.84
C ALA C 113 34.04 -25.23 1.21
N ALA C 114 35.30 -25.64 1.21
CA ALA C 114 36.31 -24.95 0.43
C ALA C 114 36.12 -25.28 -1.05
N PRO C 115 36.54 -24.38 -1.93
CA PRO C 115 36.47 -24.68 -3.36
C PRO C 115 37.30 -25.89 -3.74
N SER C 116 36.77 -26.69 -4.66
CA SER C 116 37.50 -27.77 -5.29
C SER C 116 37.82 -27.36 -6.71
N VAL C 117 39.11 -27.23 -7.00
CA VAL C 117 39.58 -26.82 -8.32
C VAL C 117 40.45 -27.92 -8.87
N PHE C 118 40.02 -28.51 -9.99
CA PHE C 118 40.84 -29.48 -10.68
C PHE C 118 41.10 -28.91 -12.07
N ILE C 119 42.37 -28.87 -12.48
CA ILE C 119 42.78 -28.08 -13.64
C ILE C 119 42.46 -28.87 -14.91
N PHE C 120 41.72 -28.23 -15.83
CA PHE C 120 41.55 -28.72 -17.17
C PHE C 120 42.14 -27.72 -18.17
N PRO C 121 43.19 -28.08 -18.89
CA PRO C 121 43.58 -27.29 -20.05
C PRO C 121 42.53 -27.42 -21.14
N PRO C 122 42.02 -26.32 -21.65
CA PRO C 122 40.98 -26.42 -22.68
C PRO C 122 41.52 -27.10 -23.92
N SER C 123 40.62 -27.76 -24.65
CA SER C 123 41.01 -28.58 -25.78
C SER C 123 41.47 -27.67 -26.92
N ASP C 124 41.84 -28.27 -28.06
CA ASP C 124 42.43 -27.49 -29.14
C ASP C 124 41.44 -26.52 -29.78
N GLU C 125 40.14 -26.76 -29.61
CA GLU C 125 39.15 -25.81 -30.11
C GLU C 125 39.18 -24.48 -29.36
N GLN C 126 39.79 -24.43 -28.17
CA GLN C 126 39.89 -23.16 -27.45
C GLN C 126 40.70 -22.14 -28.24
N LEU C 127 41.72 -22.58 -28.97
CA LEU C 127 42.40 -21.64 -29.86
C LEU C 127 41.55 -21.33 -31.09
N LYS C 128 40.72 -22.27 -31.53
CA LYS C 128 39.71 -21.96 -32.54
C LYS C 128 38.78 -20.84 -32.09
N SER C 129 38.62 -20.65 -30.78
CA SER C 129 37.85 -19.51 -30.29
C SER C 129 38.43 -18.19 -30.78
N GLY C 130 39.75 -18.11 -30.88
CA GLY C 130 40.42 -16.85 -31.05
C GLY C 130 40.62 -16.09 -29.76
N THR C 131 40.07 -16.58 -28.66
CA THR C 131 40.30 -16.04 -27.33
C THR C 131 40.59 -17.20 -26.40
N ALA C 132 41.45 -16.96 -25.42
CA ALA C 132 41.87 -18.02 -24.50
C ALA C 132 40.95 -18.02 -23.31
N SER C 133 40.24 -19.13 -23.12
CA SER C 133 39.42 -19.35 -21.93
C SER C 133 39.90 -20.64 -21.27
N VAL C 134 40.96 -20.50 -20.48
CA VAL C 134 41.38 -21.58 -19.61
C VAL C 134 40.44 -21.63 -18.43
N VAL C 135 39.96 -22.82 -18.12
CA VAL C 135 38.86 -22.99 -17.19
C VAL C 135 39.41 -23.44 -15.83
N CYS C 136 39.23 -22.58 -14.83
CA CYS C 136 39.36 -22.99 -13.44
C CYS C 136 38.00 -23.51 -13.04
N LEU C 137 37.79 -24.81 -13.15
CA LEU C 137 36.54 -25.37 -12.64
C LEU C 137 36.50 -25.22 -11.14
N LEU C 138 35.41 -24.65 -10.65
CA LEU C 138 35.17 -24.52 -9.23
C LEU C 138 34.01 -25.43 -8.86
N ASN C 139 34.15 -26.20 -7.79
CA ASN C 139 33.12 -27.12 -7.39
C ASN C 139 32.87 -27.03 -5.89
N ASN C 140 31.60 -27.05 -5.53
CA ASN C 140 31.16 -27.25 -4.14
C ASN C 140 31.84 -26.30 -3.17
N PHE C 141 31.65 -25.00 -3.41
CA PHE C 141 32.24 -23.98 -2.57
C PHE C 141 31.18 -22.94 -2.26
N TYR C 142 31.32 -22.30 -1.11
CA TYR C 142 30.38 -21.26 -0.74
C TYR C 142 30.62 -20.06 -1.68
N PRO C 143 29.64 -19.12 -1.82
CA PRO C 143 29.80 -17.99 -2.75
C PRO C 143 31.21 -17.41 -2.87
N ARG C 144 31.62 -17.12 -4.09
CA ARG C 144 33.04 -17.09 -4.46
C ARG C 144 33.72 -15.86 -3.87
N GLU C 145 34.47 -16.05 -2.79
CA GLU C 145 35.56 -15.17 -2.39
C GLU C 145 36.93 -15.82 -2.57
N ALA C 146 36.98 -17.04 -3.10
CA ALA C 146 38.25 -17.69 -3.37
C ALA C 146 38.98 -17.00 -4.51
N LYS C 147 40.25 -16.68 -4.30
CA LYS C 147 41.05 -16.00 -5.32
C LYS C 147 41.62 -17.02 -6.28
N VAL C 148 40.75 -17.52 -7.16
CA VAL C 148 41.20 -18.45 -8.19
C VAL C 148 42.08 -17.72 -9.18
N GLN C 149 43.16 -18.37 -9.62
CA GLN C 149 44.19 -17.71 -10.40
C GLN C 149 44.05 -18.03 -11.89
N TRP C 150 44.07 -16.98 -12.71
CA TRP C 150 43.96 -17.12 -14.15
C TRP C 150 45.37 -17.17 -14.77
N LYS C 151 46.01 -18.33 -14.62
CA LYS C 151 47.35 -18.50 -15.20
C LYS C 151 47.26 -18.84 -16.68
N VAL C 152 46.37 -18.11 -17.37
CA VAL C 152 46.25 -18.27 -18.82
C VAL C 152 47.49 -17.74 -19.51
N ASP C 153 47.95 -16.57 -19.08
CA ASP C 153 49.27 -16.05 -19.45
C ASP C 153 50.28 -16.29 -18.34
N ASN C 154 49.91 -17.08 -17.33
CA ASN C 154 50.66 -17.29 -16.10
C ASN C 154 50.74 -16.03 -15.25
N ALA C 155 49.88 -15.05 -15.54
CA ALA C 155 49.78 -13.83 -14.76
C ALA C 155 48.32 -13.57 -14.43
N LEU C 156 48.09 -12.88 -13.33
CA LEU C 156 46.72 -12.59 -12.91
C LEU C 156 46.00 -11.78 -13.96
N GLN C 157 44.79 -12.21 -14.31
CA GLN C 157 43.94 -11.51 -15.27
C GLN C 157 42.71 -11.04 -14.50
N SER C 158 42.77 -9.83 -13.99
CA SER C 158 41.68 -9.21 -13.22
C SER C 158 41.22 -7.96 -13.97
N GLY C 159 39.92 -7.82 -14.13
CA GLY C 159 39.38 -6.70 -14.90
C GLY C 159 39.43 -6.85 -16.41
N ASN C 160 40.63 -7.04 -16.98
CA ASN C 160 40.73 -7.28 -18.41
C ASN C 160 40.00 -8.55 -18.81
N SER C 161 40.07 -9.57 -17.96
CA SER C 161 39.33 -10.80 -18.20
C SER C 161 37.84 -10.57 -17.99
N GLN C 162 37.03 -11.50 -18.50
CA GLN C 162 35.61 -11.54 -18.21
C GLN C 162 35.32 -12.87 -17.56
N GLU C 163 34.26 -12.92 -16.76
CA GLU C 163 33.82 -14.15 -16.12
C GLU C 163 32.32 -14.32 -16.28
N SER C 164 31.92 -15.51 -16.68
CA SER C 164 30.51 -15.87 -16.77
C SER C 164 30.16 -16.67 -15.52
N VAL C 165 29.18 -16.19 -14.77
CA VAL C 165 28.95 -16.68 -13.40
C VAL C 165 28.08 -17.93 -13.41
N THR C 166 28.20 -18.70 -12.33
CA THR C 166 27.32 -19.82 -12.02
C THR C 166 26.64 -19.56 -10.69
N GLU C 167 25.33 -19.76 -10.66
CA GLU C 167 24.56 -19.68 -9.42
C GLU C 167 24.83 -20.90 -8.53
N GLN C 168 24.51 -20.74 -7.25
CA GLN C 168 24.58 -21.85 -6.30
C GLN C 168 23.71 -22.99 -6.80
N ASP C 169 24.33 -24.14 -7.02
CA ASP C 169 23.54 -25.32 -7.31
C ASP C 169 22.73 -25.68 -6.05
N SER C 170 21.43 -25.87 -6.21
CA SER C 170 20.58 -26.04 -5.04
C SER C 170 20.90 -27.32 -4.27
N LYS C 171 21.34 -28.37 -4.97
CA LYS C 171 21.59 -29.65 -4.32
C LYS C 171 22.70 -29.56 -3.28
N ASP C 172 23.82 -28.93 -3.63
CA ASP C 172 24.97 -28.83 -2.74
C ASP C 172 25.07 -27.50 -2.02
N SER C 173 24.11 -26.59 -2.24
CA SER C 173 24.08 -25.27 -1.60
C SER C 173 25.32 -24.45 -1.95
N THR C 174 25.94 -24.76 -3.10
CA THR C 174 27.19 -24.16 -3.53
C THR C 174 27.24 -24.06 -5.05
N TYR C 175 28.00 -23.08 -5.56
CA TYR C 175 28.22 -23.00 -6.99
C TYR C 175 28.97 -24.23 -7.49
N SER C 176 28.91 -24.44 -8.81
CA SER C 176 29.90 -25.22 -9.54
C SER C 176 30.38 -24.33 -10.70
N LEU C 177 31.37 -23.49 -10.42
CA LEU C 177 31.72 -22.44 -11.36
C LEU C 177 32.68 -22.93 -12.42
N SER C 178 32.52 -22.40 -13.63
CA SER C 178 33.46 -22.58 -14.73
C SER C 178 33.94 -21.22 -15.19
N SER C 179 35.26 -21.08 -15.35
CA SER C 179 35.83 -19.78 -15.69
C SER C 179 35.97 -19.66 -17.20
N THR C 180 35.33 -18.65 -17.77
CA THR C 180 35.36 -18.39 -19.21
C THR C 180 36.00 -17.04 -19.44
N LEU C 181 37.15 -17.02 -20.10
CA LEU C 181 37.93 -15.81 -20.28
C LEU C 181 38.13 -15.52 -21.78
N THR C 182 37.96 -14.26 -22.15
CA THR C 182 38.17 -13.83 -23.53
C THR C 182 39.47 -13.00 -23.60
N LEU C 183 40.60 -13.70 -23.70
CA LEU C 183 41.85 -12.97 -23.84
C LEU C 183 42.35 -12.89 -25.27
N SER C 184 42.77 -14.03 -25.83
CA SER C 184 43.30 -14.11 -27.19
C SER C 184 43.62 -15.56 -27.52
N LYS C 185 43.72 -15.85 -28.82
CA LYS C 185 44.25 -17.15 -29.24
C LYS C 185 45.74 -17.26 -28.89
N ALA C 186 46.49 -16.18 -29.08
CA ALA C 186 47.94 -16.23 -28.87
C ALA C 186 48.28 -16.48 -27.40
N ASP C 187 47.46 -15.96 -26.49
CA ASP C 187 47.74 -16.13 -25.07
C ASP C 187 47.72 -17.60 -24.66
N TYR C 188 46.76 -18.36 -25.20
CA TYR C 188 46.69 -19.79 -24.89
C TYR C 188 47.90 -20.54 -25.40
N GLU C 189 48.33 -20.27 -26.64
CA GLU C 189 49.43 -21.02 -27.22
C GLU C 189 50.77 -20.70 -26.56
N LYS C 190 51.00 -19.42 -26.22
CA LYS C 190 52.32 -19.01 -25.76
C LYS C 190 52.70 -19.66 -24.43
N HIS C 191 51.76 -19.77 -23.50
CA HIS C 191 51.98 -20.44 -22.24
C HIS C 191 51.16 -21.72 -22.18
N LYS C 192 51.82 -22.83 -21.87
CA LYS C 192 51.17 -24.14 -21.84
C LYS C 192 50.92 -24.66 -20.43
N VAL C 193 51.50 -24.02 -19.42
CA VAL C 193 51.42 -24.50 -18.04
C VAL C 193 50.35 -23.71 -17.32
N TYR C 194 49.34 -24.41 -16.79
CA TYR C 194 48.16 -23.75 -16.25
C TYR C 194 47.88 -24.27 -14.85
N ALA C 195 47.76 -23.35 -13.90
CA ALA C 195 47.45 -23.71 -12.53
C ALA C 195 46.48 -22.69 -11.97
N CYS C 196 45.68 -23.11 -11.00
CA CYS C 196 44.70 -22.22 -10.38
C CYS C 196 44.95 -22.22 -8.88
N GLU C 197 45.62 -21.19 -8.36
CA GLU C 197 45.77 -21.11 -6.91
C GLU C 197 44.47 -20.61 -6.29
N VAL C 198 44.18 -21.09 -5.09
CA VAL C 198 42.94 -20.71 -4.43
C VAL C 198 43.14 -20.21 -3.00
N THR C 199 43.35 -18.90 -2.88
CA THR C 199 43.19 -18.23 -1.60
C THR C 199 41.72 -17.91 -1.38
N HIS C 200 41.22 -18.15 -0.16
CA HIS C 200 39.79 -18.12 0.07
C HIS C 200 39.55 -17.86 1.54
N GLN C 201 38.32 -17.46 1.89
CA GLN C 201 37.96 -17.39 3.30
C GLN C 201 38.12 -18.77 3.95
N GLY C 202 37.57 -19.80 3.29
CA GLY C 202 37.85 -21.16 3.71
C GLY C 202 39.30 -21.55 3.49
N LEU C 203 39.89 -21.13 2.38
CA LEU C 203 41.24 -21.53 2.01
C LEU C 203 42.17 -20.33 2.12
N SER C 204 42.88 -20.24 3.25
CA SER C 204 43.85 -19.16 3.43
C SER C 204 45.05 -19.34 2.51
N SER C 205 45.56 -20.56 2.40
CA SER C 205 46.72 -20.80 1.55
C SER C 205 46.31 -20.74 0.08
N PRO C 206 47.16 -20.21 -0.79
CA PRO C 206 46.89 -20.22 -2.24
C PRO C 206 47.10 -21.61 -2.83
N VAL C 207 46.15 -22.50 -2.55
CA VAL C 207 46.30 -23.90 -2.95
C VAL C 207 46.32 -24.01 -4.46
N THR C 208 47.36 -24.66 -4.98
CA THR C 208 47.63 -24.72 -6.41
C THR C 208 47.60 -26.18 -6.86
N LYS C 209 46.98 -26.42 -8.03
CA LYS C 209 46.93 -27.74 -8.63
C LYS C 209 47.52 -27.70 -10.03
N SER C 210 48.16 -28.79 -10.44
CA SER C 210 48.77 -28.92 -11.75
C SER C 210 48.01 -29.97 -12.57
N PHE C 211 47.60 -29.59 -13.77
CA PHE C 211 47.04 -30.55 -14.71
C PHE C 211 48.15 -31.38 -15.35
N ASN C 212 47.79 -32.58 -15.77
CA ASN C 212 48.63 -33.40 -16.63
C ASN C 212 47.97 -33.46 -18.01
N ARG C 213 48.77 -33.22 -19.05
CA ARG C 213 48.21 -33.16 -20.39
C ARG C 213 47.65 -34.52 -20.81
N GLY C 214 46.50 -34.49 -21.48
CA GLY C 214 45.88 -35.70 -21.95
C GLY C 214 45.35 -36.58 -20.83
N SER D 2 -34.26 0.31 19.29
CA SER D 2 -33.24 0.05 18.29
C SER D 2 -31.95 0.77 18.66
N HIS D 3 -30.83 0.29 18.11
CA HIS D 3 -29.52 0.90 18.36
C HIS D 3 -28.65 0.72 17.14
N SER D 4 -27.61 1.54 17.06
CA SER D 4 -26.71 1.50 15.91
C SER D 4 -25.30 1.77 16.39
N MET D 5 -24.36 1.54 15.50
CA MET D 5 -22.97 1.84 15.79
C MET D 5 -22.32 2.29 14.49
N ARG D 6 -21.88 3.54 14.46
CA ARG D 6 -21.41 4.14 13.23
C ARG D 6 -19.93 4.46 13.37
N TYR D 7 -19.24 4.51 12.25
CA TYR D 7 -17.82 4.85 12.23
C TYR D 7 -17.59 5.85 11.11
N PHE D 8 -17.44 7.12 11.46
CA PHE D 8 -17.20 8.17 10.49
C PHE D 8 -15.70 8.35 10.32
N PHE D 9 -15.23 8.40 9.08
CA PHE D 9 -13.80 8.36 8.82
C PHE D 9 -13.43 9.50 7.88
N THR D 10 -13.27 10.70 8.42
CA THR D 10 -12.92 11.85 7.61
C THR D 10 -11.45 11.81 7.24
N SER D 11 -11.11 12.32 6.06
CA SER D 11 -9.72 12.29 5.63
C SER D 11 -9.43 13.43 4.66
N VAL D 12 -8.95 14.55 5.18
CA VAL D 12 -8.67 15.74 4.38
C VAL D 12 -7.27 15.66 3.81
N SER D 13 -7.14 15.95 2.52
CA SER D 13 -5.92 15.64 1.80
C SER D 13 -4.79 16.61 2.04
N ARG D 14 -5.06 17.79 2.61
CA ARG D 14 -4.08 18.74 3.18
C ARG D 14 -2.73 18.72 2.47
N PRO D 15 -2.68 18.92 1.16
CA PRO D 15 -1.44 18.70 0.43
C PRO D 15 -0.45 19.83 0.66
N GLY D 16 0.80 19.54 0.34
CA GLY D 16 1.86 20.51 0.47
C GLY D 16 2.29 20.75 1.91
N ARG D 17 1.35 21.14 2.77
CA ARG D 17 1.66 21.58 4.12
C ARG D 17 1.58 20.45 5.14
N GLY D 18 1.91 19.24 4.74
CA GLY D 18 2.03 18.18 5.70
C GLY D 18 1.58 16.85 5.12
N GLU D 19 0.81 16.12 5.91
CA GLU D 19 0.35 14.76 5.65
C GLU D 19 -1.17 14.73 5.84
N PRO D 20 -1.91 14.00 4.99
CA PRO D 20 -3.37 14.00 5.08
C PRO D 20 -3.87 13.88 6.48
N ARG D 21 -4.60 14.88 6.96
CA ARG D 21 -5.19 14.75 8.27
C ARG D 21 -6.15 13.57 8.23
N PHE D 22 -6.51 13.07 9.39
CA PHE D 22 -7.40 11.92 9.45
C PHE D 22 -8.01 11.91 10.83
N ILE D 23 -9.27 12.28 10.92
CA ILE D 23 -10.04 12.13 12.15
C ILE D 23 -11.00 10.98 11.94
N ALA D 24 -10.98 10.02 12.85
CA ALA D 24 -11.80 8.82 12.72
C ALA D 24 -12.62 8.70 13.98
N VAL D 25 -13.75 9.37 13.97
CA VAL D 25 -14.65 9.27 15.09
C VAL D 25 -15.41 7.94 15.00
N GLY D 26 -15.84 7.45 16.14
CA GLY D 26 -16.75 6.33 16.19
C GLY D 26 -17.88 6.65 17.13
N TYR D 27 -19.07 6.18 16.80
CA TYR D 27 -20.26 6.60 17.51
C TYR D 27 -21.10 5.41 17.94
N VAL D 28 -21.85 5.59 19.01
CA VAL D 28 -22.90 4.64 19.33
C VAL D 28 -24.18 5.34 19.78
N ASP D 29 -25.11 5.46 18.85
CA ASP D 29 -26.50 5.87 18.94
C ASP D 29 -26.81 7.36 19.08
N ASP D 30 -25.94 8.17 19.67
CA ASP D 30 -25.52 9.49 19.17
C ASP D 30 -24.19 9.86 19.80
N THR D 31 -23.75 9.07 20.77
CA THR D 31 -22.63 9.46 21.60
C THR D 31 -21.33 8.92 21.02
N GLN D 32 -20.26 9.64 21.27
CA GLN D 32 -18.95 9.30 20.76
C GLN D 32 -18.18 8.56 21.84
N PHE D 33 -17.45 7.51 21.44
CA PHE D 33 -16.62 6.79 22.39
C PHE D 33 -15.17 6.67 21.99
N VAL D 34 -14.81 6.87 20.72
CA VAL D 34 -13.43 6.89 20.32
C VAL D 34 -13.17 8.09 19.42
N ARG D 35 -11.90 8.36 19.19
CA ARG D 35 -11.43 9.44 18.35
C ARG D 35 -10.05 9.05 17.84
N PHE D 36 -9.60 9.70 16.78
CA PHE D 36 -8.24 9.48 16.35
C PHE D 36 -7.81 10.62 15.43
N ASP D 37 -7.08 11.60 15.96
CA ASP D 37 -6.49 12.63 15.13
C ASP D 37 -5.10 12.17 14.71
N SER D 38 -4.77 12.34 13.44
CA SER D 38 -3.40 12.04 13.05
C SER D 38 -2.45 13.17 13.41
N ASP D 39 -2.87 14.09 14.26
CA ASP D 39 -1.97 15.08 14.85
C ASP D 39 -2.54 15.48 16.21
N ALA D 40 -2.06 14.80 17.24
CA ALA D 40 -2.54 15.05 18.60
C ALA D 40 -1.46 14.56 19.55
N ALA D 41 -1.83 14.39 20.82
CA ALA D 41 -0.92 13.85 21.82
C ALA D 41 -0.22 12.60 21.31
N SER D 42 -1.00 11.55 21.04
CA SER D 42 -0.47 10.25 20.70
C SER D 42 -1.05 9.79 19.38
N GLN D 43 -0.54 8.68 18.87
CA GLN D 43 -1.16 7.99 17.75
C GLN D 43 -1.98 6.80 18.25
N ARG D 44 -3.00 7.10 19.04
CA ARG D 44 -3.80 6.09 19.70
C ARG D 44 -5.28 6.38 19.53
N MET D 45 -6.09 5.33 19.56
CA MET D 45 -7.52 5.48 19.79
C MET D 45 -7.72 5.96 21.21
N GLU D 46 -7.53 7.24 21.40
CA GLU D 46 -7.84 7.83 22.67
C GLU D 46 -9.30 7.55 23.00
N PRO D 47 -9.62 7.04 24.17
CA PRO D 47 -11.01 6.82 24.53
C PRO D 47 -11.73 8.15 24.59
N ARG D 48 -13.03 8.10 24.35
CA ARG D 48 -13.82 9.31 24.40
C ARG D 48 -15.06 9.17 25.26
N ALA D 49 -15.21 8.04 25.95
CA ALA D 49 -16.32 7.85 26.84
C ALA D 49 -15.88 6.92 27.94
N PRO D 50 -16.32 7.15 29.18
CA PRO D 50 -15.82 6.34 30.30
C PRO D 50 -16.04 4.84 30.14
N TRP D 51 -17.17 4.43 29.58
CA TRP D 51 -17.49 3.02 29.56
C TRP D 51 -16.66 2.22 28.59
N ILE D 52 -15.70 2.82 27.90
CA ILE D 52 -14.77 2.06 27.08
C ILE D 52 -13.37 2.06 27.67
N GLU D 53 -13.14 2.78 28.77
CA GLU D 53 -11.88 2.69 29.47
C GLU D 53 -11.63 1.27 29.99
N GLN D 54 -12.70 0.56 30.33
CA GLN D 54 -12.59 -0.76 30.94
C GLN D 54 -11.85 -1.75 30.06
N GLU D 55 -11.79 -1.50 28.76
CA GLU D 55 -11.50 -2.56 27.82
C GLU D 55 -10.12 -3.18 28.07
N GLY D 56 -9.10 -2.37 28.26
CA GLY D 56 -7.80 -2.89 28.57
C GLY D 56 -6.83 -2.86 27.42
N PRO D 57 -5.55 -3.12 27.72
CA PRO D 57 -4.48 -2.84 26.76
C PRO D 57 -4.62 -3.57 25.44
N GLU D 58 -5.07 -4.83 25.45
CA GLU D 58 -5.18 -5.56 24.20
C GLU D 58 -6.19 -4.89 23.28
N TYR D 59 -7.31 -4.45 23.83
CA TYR D 59 -8.35 -3.82 23.04
C TYR D 59 -7.83 -2.55 22.38
N TRP D 60 -7.24 -1.67 23.15
CA TRP D 60 -6.73 -0.43 22.59
C TRP D 60 -5.64 -0.71 21.58
N ASP D 61 -4.81 -1.72 21.82
CA ASP D 61 -3.77 -2.04 20.86
C ASP D 61 -4.37 -2.44 19.52
N GLN D 62 -5.33 -3.37 19.54
CA GLN D 62 -5.81 -3.87 18.26
C GLN D 62 -6.77 -2.89 17.61
N GLU D 63 -7.49 -2.09 18.38
CA GLU D 63 -8.27 -1.01 17.81
C GLU D 63 -7.40 0.03 17.15
N THR D 64 -6.29 0.39 17.77
CA THR D 64 -5.37 1.32 17.16
C THR D 64 -4.76 0.74 15.90
N ARG D 65 -4.41 -0.55 15.92
CA ARG D 65 -3.91 -1.16 14.70
C ARG D 65 -4.95 -1.09 13.60
N ASN D 66 -6.21 -1.37 13.94
CA ASN D 66 -7.28 -1.35 12.94
C ASN D 66 -7.47 0.04 12.36
N VAL D 67 -7.63 1.05 13.22
CA VAL D 67 -7.94 2.38 12.71
C VAL D 67 -6.75 2.98 11.99
N LYS D 68 -5.52 2.61 12.35
CA LYS D 68 -4.41 3.05 11.53
C LYS D 68 -4.39 2.32 10.20
N ALA D 69 -4.92 1.10 10.15
CA ALA D 69 -5.10 0.45 8.85
C ALA D 69 -6.13 1.20 8.01
N GLN D 70 -7.22 1.63 8.63
CA GLN D 70 -8.21 2.43 7.91
C GLN D 70 -7.62 3.73 7.39
N SER D 71 -6.88 4.43 8.25
CA SER D 71 -6.20 5.65 7.85
C SER D 71 -5.27 5.39 6.68
N GLN D 72 -4.55 4.28 6.71
CA GLN D 72 -3.75 3.91 5.56
C GLN D 72 -4.61 3.70 4.33
N THR D 73 -5.78 3.09 4.49
CA THR D 73 -6.64 2.87 3.34
C THR D 73 -7.11 4.19 2.74
N ASP D 74 -7.49 5.14 3.58
CA ASP D 74 -7.89 6.46 3.10
C ASP D 74 -6.73 7.17 2.42
N ARG D 75 -5.53 7.07 2.97
CA ARG D 75 -4.45 7.78 2.30
C ARG D 75 -4.02 7.07 1.03
N VAL D 76 -4.43 5.81 0.85
CA VAL D 76 -4.25 5.17 -0.44
C VAL D 76 -5.29 5.62 -1.45
N ASP D 77 -6.56 5.68 -1.04
CA ASP D 77 -7.61 5.95 -2.01
C ASP D 77 -7.86 7.44 -2.21
N LEU D 78 -7.24 8.30 -1.41
CA LEU D 78 -7.23 9.72 -1.71
C LEU D 78 -6.30 10.02 -2.85
N GLY D 79 -5.83 8.97 -3.51
CA GLY D 79 -4.93 9.12 -4.62
C GLY D 79 -5.51 8.34 -5.77
N THR D 80 -6.64 7.66 -5.52
CA THR D 80 -7.41 7.04 -6.58
C THR D 80 -8.71 7.78 -6.86
N LEU D 81 -9.49 8.14 -5.84
CA LEU D 81 -10.64 8.99 -6.11
C LEU D 81 -10.20 10.28 -6.77
N ARG D 82 -9.18 10.90 -6.24
CA ARG D 82 -8.57 12.08 -6.83
C ARG D 82 -7.82 11.73 -8.09
N GLY D 83 -7.95 10.49 -8.56
CA GLY D 83 -7.29 10.15 -9.78
C GLY D 83 -8.24 9.87 -10.92
N TYR D 84 -9.39 9.32 -10.59
CA TYR D 84 -10.43 9.19 -11.61
C TYR D 84 -11.30 10.43 -11.72
N TYR D 85 -11.61 11.09 -10.62
CA TYR D 85 -12.29 12.37 -10.70
C TYR D 85 -11.29 13.45 -11.10
N ASN D 86 -10.62 13.26 -12.25
CA ASN D 86 -9.29 13.81 -12.47
C ASN D 86 -9.17 15.18 -11.85
N GLN D 87 -8.30 15.30 -10.84
CA GLN D 87 -8.49 16.36 -9.88
C GLN D 87 -7.16 16.96 -9.44
N SER D 88 -6.27 17.25 -10.39
CA SER D 88 -5.39 18.40 -10.18
C SER D 88 -4.56 18.35 -8.91
N GLU D 89 -3.52 17.51 -8.88
CA GLU D 89 -2.66 17.36 -7.70
C GLU D 89 -2.39 18.70 -7.02
N ALA D 90 -2.27 18.67 -5.70
CA ALA D 90 -2.17 19.86 -4.85
C ALA D 90 -3.45 20.67 -4.84
N GLY D 91 -4.55 20.06 -4.40
CA GLY D 91 -5.74 20.75 -3.99
C GLY D 91 -6.42 19.97 -2.88
N SER D 92 -6.98 20.65 -1.89
CA SER D 92 -7.65 19.93 -0.81
C SER D 92 -8.89 19.22 -1.33
N HIS D 93 -9.09 17.99 -0.87
CA HIS D 93 -10.16 17.13 -1.38
C HIS D 93 -10.37 15.98 -0.42
N THR D 94 -11.60 15.84 0.07
CA THR D 94 -11.94 15.03 1.23
C THR D 94 -12.44 13.64 0.82
N ILE D 95 -12.43 12.71 1.77
CA ILE D 95 -13.09 11.41 1.67
C ILE D 95 -13.84 11.18 2.96
N GLN D 96 -15.02 10.60 2.87
CA GLN D 96 -15.79 10.32 4.07
C GLN D 96 -16.32 8.91 3.97
N ILE D 97 -16.47 8.26 5.12
CA ILE D 97 -16.88 6.86 5.15
C ILE D 97 -17.73 6.60 6.37
N MET D 98 -18.91 6.04 6.16
CA MET D 98 -19.73 5.57 7.26
C MET D 98 -19.69 4.04 7.32
N TYR D 99 -20.09 3.47 8.44
CA TYR D 99 -20.36 2.05 8.58
C TYR D 99 -21.63 1.94 9.37
N GLY D 100 -21.97 0.72 9.77
CA GLY D 100 -22.99 0.60 10.78
C GLY D 100 -23.52 -0.80 10.87
N CYS D 101 -24.36 -0.98 11.89
CA CYS D 101 -25.18 -2.18 12.01
C CYS D 101 -26.23 -1.87 13.04
N ASP D 102 -27.49 -1.94 12.65
CA ASP D 102 -28.54 -1.75 13.63
C ASP D 102 -28.81 -3.06 14.36
N VAL D 103 -29.62 -2.97 15.39
CA VAL D 103 -30.11 -4.12 16.12
C VAL D 103 -31.56 -3.87 16.49
N GLY D 104 -32.20 -4.87 17.02
CA GLY D 104 -33.49 -4.65 17.62
C GLY D 104 -33.35 -4.28 19.07
N SER D 105 -34.48 -3.87 19.66
CA SER D 105 -34.49 -3.61 21.09
C SER D 105 -34.14 -4.86 21.88
N ASP D 106 -34.42 -6.03 21.31
CA ASP D 106 -34.01 -7.29 21.91
C ASP D 106 -32.57 -7.66 21.58
N GLY D 107 -31.94 -6.98 20.62
CA GLY D 107 -30.57 -7.29 20.25
C GLY D 107 -30.40 -8.05 18.95
N ARG D 108 -31.43 -8.15 18.13
CA ARG D 108 -31.36 -8.88 16.88
C ARG D 108 -30.97 -7.94 15.75
N PHE D 109 -30.07 -8.40 14.89
CA PHE D 109 -29.59 -7.59 13.77
C PHE D 109 -30.72 -7.13 12.88
N LEU D 110 -30.71 -5.85 12.51
CA LEU D 110 -31.77 -5.26 11.69
C LEU D 110 -31.31 -4.92 10.28
N ARG D 111 -30.37 -3.99 10.16
CA ARG D 111 -29.93 -3.49 8.88
C ARG D 111 -28.46 -3.14 8.95
N GLY D 112 -27.80 -3.25 7.80
CA GLY D 112 -26.40 -2.89 7.70
C GLY D 112 -26.18 -1.88 6.60
N TYR D 113 -25.44 -0.83 6.91
CA TYR D 113 -25.21 0.26 5.96
C TYR D 113 -23.76 0.65 5.94
N ARG D 114 -23.18 0.66 4.74
CA ARG D 114 -21.90 1.29 4.48
C ARG D 114 -22.04 2.30 3.37
N GLN D 115 -21.64 3.55 3.63
CA GLN D 115 -21.84 4.66 2.71
C GLN D 115 -20.53 5.41 2.54
N ASP D 116 -20.13 5.66 1.31
CA ASP D 116 -18.90 6.39 1.03
C ASP D 116 -19.23 7.71 0.35
N ALA D 117 -18.47 8.74 0.67
CA ALA D 117 -18.62 10.05 0.04
C ALA D 117 -17.26 10.63 -0.32
N TYR D 118 -17.13 11.08 -1.55
CA TYR D 118 -15.98 11.86 -1.99
C TYR D 118 -16.30 13.30 -1.65
N ASP D 119 -15.83 14.28 -2.43
CA ASP D 119 -15.95 15.68 -2.03
C ASP D 119 -17.40 16.07 -1.84
N GLY D 120 -17.93 15.79 -0.66
CA GLY D 120 -19.23 16.28 -0.26
C GLY D 120 -20.44 15.58 -0.86
N LYS D 121 -20.26 14.95 -2.02
CA LYS D 121 -21.34 14.31 -2.74
C LYS D 121 -21.45 12.86 -2.26
N ASP D 122 -22.14 12.00 -3.01
CA ASP D 122 -22.21 10.59 -2.69
C ASP D 122 -21.27 9.77 -3.58
N TYR D 123 -21.02 8.56 -3.11
CA TYR D 123 -20.22 7.56 -3.77
C TYR D 123 -20.90 6.24 -3.49
N ILE D 124 -20.22 5.11 -3.75
CA ILE D 124 -20.82 3.80 -3.50
C ILE D 124 -21.46 3.70 -2.13
N ALA D 125 -22.59 3.00 -2.07
CA ALA D 125 -23.29 2.73 -0.82
C ALA D 125 -23.85 1.32 -0.85
N LEU D 126 -24.18 0.80 0.32
CA LEU D 126 -24.64 -0.57 0.47
C LEU D 126 -26.16 -0.61 0.60
N ASN D 127 -26.76 -1.69 0.10
CA ASN D 127 -28.21 -1.82 0.11
C ASN D 127 -28.70 -2.17 1.50
N GLU D 128 -29.95 -2.60 1.60
CA GLU D 128 -30.51 -3.03 2.86
C GLU D 128 -30.60 -4.54 2.97
N ASP D 129 -30.43 -5.25 1.86
CA ASP D 129 -30.28 -6.70 1.86
C ASP D 129 -28.83 -7.13 2.03
N LEU D 130 -27.93 -6.17 2.17
CA LEU D 130 -26.51 -6.40 2.44
C LEU D 130 -25.88 -7.24 1.35
N ARG D 131 -26.24 -6.97 0.11
CA ARG D 131 -25.78 -7.87 -0.94
C ARG D 131 -25.29 -7.19 -2.21
N SER D 132 -25.65 -5.95 -2.49
CA SER D 132 -25.15 -5.30 -3.69
C SER D 132 -24.91 -3.82 -3.42
N TRP D 133 -24.43 -3.13 -4.44
CA TRP D 133 -23.83 -1.81 -4.29
C TRP D 133 -24.49 -0.84 -5.26
N THR D 134 -25.03 0.25 -4.72
CA THR D 134 -25.59 1.33 -5.54
C THR D 134 -24.52 2.37 -5.79
N ALA D 135 -23.76 2.18 -6.87
CA ALA D 135 -22.89 3.23 -7.34
C ALA D 135 -23.72 4.46 -7.68
N ALA D 136 -23.20 5.64 -7.33
CA ALA D 136 -23.93 6.89 -7.51
C ALA D 136 -23.18 7.82 -8.44
N ASP D 137 -22.36 7.28 -9.33
CA ASP D 137 -21.61 8.08 -10.29
C ASP D 137 -20.87 7.11 -11.20
N MET D 138 -20.17 7.67 -12.19
CA MET D 138 -19.36 6.87 -13.10
C MET D 138 -18.01 6.50 -12.53
N ALA D 139 -17.74 6.88 -11.29
CA ALA D 139 -16.59 6.38 -10.54
C ALA D 139 -16.99 5.31 -9.55
N ALA D 140 -18.09 5.53 -8.83
CA ALA D 140 -18.61 4.48 -7.98
C ALA D 140 -19.01 3.25 -8.78
N GLN D 141 -19.20 3.38 -10.09
CA GLN D 141 -19.32 2.20 -10.94
C GLN D 141 -18.08 1.32 -10.81
N ILE D 142 -16.91 1.92 -10.98
CA ILE D 142 -15.66 1.18 -10.91
C ILE D 142 -15.49 0.59 -9.52
N THR D 143 -15.79 1.38 -8.51
CA THR D 143 -15.72 0.88 -7.14
C THR D 143 -16.62 -0.33 -6.94
N LYS D 144 -17.91 -0.22 -7.29
CA LYS D 144 -18.81 -1.33 -7.07
C LYS D 144 -18.42 -2.54 -7.88
N ARG D 145 -17.81 -2.36 -9.05
CA ARG D 145 -17.34 -3.53 -9.77
C ARG D 145 -16.24 -4.23 -8.98
N LYS D 146 -15.32 -3.46 -8.41
CA LYS D 146 -14.29 -4.06 -7.56
C LYS D 146 -14.85 -4.69 -6.30
N TRP D 147 -15.98 -4.22 -5.80
CA TRP D 147 -16.46 -4.76 -4.53
C TRP D 147 -17.37 -5.96 -4.75
N GLU D 148 -18.12 -5.98 -5.86
CA GLU D 148 -18.84 -7.18 -6.26
C GLU D 148 -17.86 -8.30 -6.60
N ALA D 149 -16.82 -8.01 -7.37
CA ALA D 149 -15.67 -8.89 -7.37
C ALA D 149 -15.06 -8.85 -5.98
N ALA D 150 -14.36 -9.90 -5.60
CA ALA D 150 -13.66 -10.00 -4.32
C ALA D 150 -14.62 -10.03 -3.14
N HIS D 151 -15.92 -9.98 -3.38
CA HIS D 151 -16.91 -10.31 -2.36
C HIS D 151 -16.71 -9.49 -1.09
N GLU D 152 -16.24 -8.26 -1.28
CA GLU D 152 -16.13 -7.35 -0.14
C GLU D 152 -17.49 -7.21 0.54
N ALA D 153 -18.56 -7.34 -0.23
CA ALA D 153 -19.89 -7.39 0.35
C ALA D 153 -20.04 -8.56 1.31
N GLU D 154 -19.49 -9.71 0.94
CA GLU D 154 -19.62 -10.90 1.79
C GLU D 154 -18.88 -10.72 3.11
N GLN D 155 -17.61 -10.34 3.03
CA GLN D 155 -16.83 -10.09 4.23
C GLN D 155 -17.47 -9.03 5.08
N LEU D 156 -17.94 -7.96 4.43
CA LEU D 156 -18.55 -6.87 5.16
C LEU D 156 -19.82 -7.33 5.87
N ARG D 157 -20.64 -8.14 5.21
CA ARG D 157 -21.85 -8.64 5.87
C ARG D 157 -21.50 -9.50 7.06
N ALA D 158 -20.50 -10.36 6.90
CA ALA D 158 -20.03 -11.17 8.02
C ALA D 158 -19.63 -10.27 9.19
N TYR D 159 -18.78 -9.27 8.91
CA TYR D 159 -18.46 -8.27 9.92
C TYR D 159 -19.73 -7.73 10.55
N LEU D 160 -20.59 -7.14 9.72
CA LEU D 160 -21.76 -6.42 10.17
C LEU D 160 -22.52 -7.28 11.15
N ASP D 161 -23.11 -8.37 10.66
CA ASP D 161 -23.91 -9.20 11.54
C ASP D 161 -23.08 -9.70 12.71
N GLY D 162 -22.12 -10.59 12.44
CA GLY D 162 -21.46 -11.23 13.56
C GLY D 162 -20.72 -10.25 14.44
N THR D 163 -19.63 -9.70 13.93
CA THR D 163 -18.77 -8.91 14.77
C THR D 163 -19.45 -7.62 15.20
N CYS D 164 -20.04 -6.89 14.25
CA CYS D 164 -20.56 -5.60 14.61
C CYS D 164 -21.69 -5.76 15.61
N VAL D 165 -22.57 -6.74 15.41
CA VAL D 165 -23.68 -6.95 16.32
C VAL D 165 -23.17 -7.38 17.69
N GLU D 166 -22.21 -8.31 17.74
CA GLU D 166 -21.78 -8.80 19.03
C GLU D 166 -21.06 -7.73 19.82
N TRP D 167 -20.13 -6.99 19.19
CA TRP D 167 -19.52 -5.89 19.92
C TRP D 167 -20.51 -4.79 20.24
N LEU D 168 -21.49 -4.56 19.40
CA LEU D 168 -22.48 -3.55 19.74
C LEU D 168 -23.24 -3.96 20.99
N ARG D 169 -23.64 -5.23 21.06
CA ARG D 169 -24.30 -5.71 22.27
C ARG D 169 -23.38 -5.65 23.46
N ARG D 170 -22.09 -5.95 23.27
CA ARG D 170 -21.15 -5.82 24.37
C ARG D 170 -21.07 -4.38 24.85
N TYR D 171 -20.96 -3.43 23.93
CA TYR D 171 -20.86 -2.03 24.30
C TYR D 171 -22.08 -1.61 25.09
N LEU D 172 -23.26 -1.94 24.59
CA LEU D 172 -24.49 -1.61 25.30
C LEU D 172 -24.59 -2.34 26.63
N GLU D 173 -23.92 -3.48 26.78
CA GLU D 173 -23.76 -4.05 28.11
C GLU D 173 -22.87 -3.16 28.97
N ASN D 174 -21.75 -2.71 28.41
CA ASN D 174 -20.79 -1.91 29.15
C ASN D 174 -21.35 -0.54 29.47
N GLY D 175 -21.95 0.11 28.48
CA GLY D 175 -22.47 1.45 28.63
C GLY D 175 -23.92 1.45 29.05
N LYS D 176 -24.40 0.34 29.60
CA LYS D 176 -25.83 0.20 29.87
C LYS D 176 -26.36 1.31 30.76
N GLU D 177 -25.51 1.93 31.55
CA GLU D 177 -25.89 3.05 32.38
C GLU D 177 -25.66 4.38 31.68
N THR D 178 -25.19 4.36 30.44
CA THR D 178 -24.91 5.57 29.68
C THR D 178 -25.74 5.69 28.42
N LEU D 179 -25.91 4.60 27.68
CA LEU D 179 -26.58 4.63 26.39
C LEU D 179 -28.08 4.42 26.50
N GLN D 180 -28.51 3.39 27.22
CA GLN D 180 -29.93 3.13 27.39
C GLN D 180 -30.53 4.19 28.29
N ARG D 181 -30.54 5.43 27.82
CA ARG D 181 -31.20 6.51 28.54
C ARG D 181 -31.83 7.44 27.52
N THR D 182 -32.93 8.05 27.92
CA THR D 182 -33.63 9.04 27.10
C THR D 182 -33.71 10.33 27.90
N ASP D 183 -33.38 11.44 27.26
CA ASP D 183 -33.47 12.72 27.94
C ASP D 183 -34.70 13.46 27.47
N PRO D 184 -35.74 13.56 28.28
CA PRO D 184 -36.95 14.27 27.87
C PRO D 184 -36.69 15.77 27.80
N PRO D 185 -36.83 16.37 26.62
CA PRO D 185 -36.46 17.78 26.46
C PRO D 185 -37.26 18.67 27.39
N LYS D 186 -36.56 19.42 28.22
CA LYS D 186 -37.23 20.51 28.94
C LYS D 186 -37.61 21.60 27.95
N THR D 187 -38.80 22.13 28.13
CA THR D 187 -39.41 23.04 27.17
C THR D 187 -39.43 24.46 27.73
N HIS D 188 -39.04 25.41 26.89
CA HIS D 188 -38.89 26.80 27.29
C HIS D 188 -39.13 27.63 26.05
N MET D 189 -39.75 28.80 26.23
CA MET D 189 -40.16 29.56 25.05
C MET D 189 -40.57 30.96 25.44
N THR D 190 -40.34 31.91 24.55
CA THR D 190 -40.56 33.32 24.83
C THR D 190 -40.67 34.08 23.53
N HIS D 191 -41.05 35.36 23.62
CA HIS D 191 -41.31 36.20 22.47
C HIS D 191 -40.37 37.40 22.47
N HIS D 192 -39.94 37.79 21.27
CA HIS D 192 -39.11 38.99 21.09
C HIS D 192 -39.90 40.00 20.28
N PRO D 193 -40.42 41.07 20.90
CA PRO D 193 -41.28 42.01 20.15
C PRO D 193 -40.48 42.85 19.16
N ILE D 194 -40.70 42.60 17.86
CA ILE D 194 -40.07 43.42 16.84
C ILE D 194 -40.56 44.87 16.96
N SER D 195 -41.86 45.04 17.15
CA SER D 195 -42.47 46.37 17.23
C SER D 195 -43.82 46.22 17.91
N ASP D 196 -44.52 47.35 18.05
CA ASP D 196 -45.82 47.38 18.71
C ASP D 196 -46.94 46.84 17.83
N HIS D 197 -46.60 46.21 16.71
CA HIS D 197 -47.58 45.62 15.81
C HIS D 197 -47.24 44.21 15.37
N GLU D 198 -45.96 43.81 15.40
CA GLU D 198 -45.55 42.49 14.99
C GLU D 198 -44.45 42.00 15.92
N ALA D 199 -44.39 40.68 16.12
CA ALA D 199 -43.43 40.10 17.05
C ALA D 199 -43.07 38.70 16.58
N THR D 200 -42.09 38.12 17.28
CA THR D 200 -41.65 36.75 17.04
C THR D 200 -41.91 35.91 18.27
N LEU D 201 -41.98 34.60 18.06
CA LEU D 201 -42.01 33.63 19.13
C LEU D 201 -40.98 32.55 18.86
N ARG D 202 -40.38 32.03 19.92
CA ARG D 202 -39.37 31.00 19.80
C ARG D 202 -39.66 29.89 20.80
N CYS D 203 -39.42 28.65 20.40
CA CYS D 203 -39.69 27.47 21.22
C CYS D 203 -38.39 26.68 21.36
N TRP D 204 -38.02 26.36 22.60
CA TRP D 204 -36.70 25.83 22.92
C TRP D 204 -36.77 24.36 23.31
N ALA D 205 -35.92 23.54 22.67
CA ALA D 205 -35.76 22.14 23.00
C ALA D 205 -34.38 21.97 23.61
N LEU D 206 -34.33 21.75 24.92
CA LEU D 206 -33.08 21.73 25.66
C LEU D 206 -32.90 20.39 26.36
N GLY D 207 -31.71 19.81 26.21
CA GLY D 207 -31.37 18.60 26.94
C GLY D 207 -32.13 17.36 26.53
N PHE D 208 -31.85 16.87 25.33
CA PHE D 208 -32.39 15.59 24.87
C PHE D 208 -31.28 14.83 24.18
N TYR D 209 -31.05 13.57 24.58
CA TYR D 209 -29.89 12.86 24.04
C TYR D 209 -30.11 12.51 22.57
N PRO D 210 -31.06 11.65 22.20
CA PRO D 210 -31.15 11.25 20.79
C PRO D 210 -31.38 12.46 19.90
N ALA D 211 -30.69 12.46 18.76
CA ALA D 211 -30.65 13.65 17.91
C ALA D 211 -31.91 13.80 17.05
N GLU D 212 -32.96 13.06 17.34
CA GLU D 212 -34.20 13.13 16.57
C GLU D 212 -35.31 13.73 17.42
N ILE D 213 -35.90 14.80 16.92
CA ILE D 213 -36.96 15.53 17.61
C ILE D 213 -37.61 16.40 16.57
N THR D 214 -38.90 16.69 16.74
CA THR D 214 -39.63 17.53 15.80
C THR D 214 -40.35 18.63 16.55
N LEU D 215 -40.11 19.87 16.15
CA LEU D 215 -40.76 21.04 16.70
C LEU D 215 -41.82 21.52 15.71
N THR D 216 -43.03 21.80 16.20
CA THR D 216 -44.10 22.27 15.34
C THR D 216 -44.87 23.37 16.04
N TRP D 217 -45.02 24.50 15.36
CA TRP D 217 -45.88 25.58 15.80
C TRP D 217 -47.28 25.34 15.26
N GLN D 218 -48.21 25.01 16.16
CA GLN D 218 -49.58 24.71 15.77
C GLN D 218 -50.33 26.01 15.69
N ARG D 219 -50.37 26.60 14.49
CA ARG D 219 -51.11 27.82 14.26
C ARG D 219 -52.58 27.46 14.13
N ASP D 220 -53.35 27.73 15.19
CA ASP D 220 -54.80 27.59 15.26
C ASP D 220 -55.33 26.42 14.44
N GLY D 221 -54.79 25.23 14.69
CA GLY D 221 -55.22 24.01 14.02
C GLY D 221 -54.30 23.52 12.92
N GLU D 222 -53.42 24.37 12.40
CA GLU D 222 -52.51 23.97 11.33
C GLU D 222 -51.11 24.48 11.62
N ASP D 223 -50.11 23.75 11.15
CA ASP D 223 -48.72 24.14 11.37
C ASP D 223 -48.32 25.16 10.31
N GLN D 224 -47.96 26.36 10.75
CA GLN D 224 -47.59 27.45 9.84
C GLN D 224 -46.22 27.15 9.24
N THR D 225 -46.18 26.12 8.41
CA THR D 225 -44.90 25.60 7.92
C THR D 225 -44.17 26.62 7.05
N GLN D 226 -44.88 27.58 6.46
CA GLN D 226 -44.21 28.60 5.66
C GLN D 226 -43.49 29.61 6.54
N ASP D 227 -43.99 29.85 7.75
CA ASP D 227 -43.36 30.79 8.69
C ASP D 227 -42.57 30.06 9.78
N THR D 228 -41.98 28.91 9.45
CA THR D 228 -41.14 28.18 10.39
C THR D 228 -39.68 28.52 10.09
N GLU D 229 -39.11 29.39 10.91
CA GLU D 229 -37.67 29.60 10.91
C GLU D 229 -37.11 28.76 12.04
N LEU D 230 -36.38 27.72 11.69
CA LEU D 230 -35.85 26.76 12.65
C LEU D 230 -34.37 26.55 12.37
N VAL D 231 -33.62 26.29 13.43
CA VAL D 231 -32.20 26.04 13.34
C VAL D 231 -31.98 24.53 13.34
N GLU D 232 -30.78 24.13 12.95
CA GLU D 232 -30.44 22.72 12.95
C GLU D 232 -30.36 22.20 14.38
N THR D 233 -29.94 20.94 14.50
CA THR D 233 -29.70 20.34 15.80
C THR D 233 -28.37 20.85 16.35
N ARG D 234 -28.39 21.34 17.57
CA ARG D 234 -27.21 21.97 18.15
C ARG D 234 -26.57 21.06 19.17
N PRO D 235 -25.35 20.58 18.94
CA PRO D 235 -24.64 19.85 19.99
C PRO D 235 -24.34 20.77 21.16
N ALA D 236 -24.90 20.43 22.32
CA ALA D 236 -24.71 21.23 23.51
C ALA D 236 -23.35 21.03 24.15
N GLY D 237 -22.38 20.42 23.46
CA GLY D 237 -21.05 20.30 23.98
C GLY D 237 -20.84 19.19 24.99
N ASP D 238 -21.87 18.88 25.77
CA ASP D 238 -21.78 17.91 26.84
C ASP D 238 -22.69 16.70 26.57
N GLY D 239 -22.72 16.24 25.33
CA GLY D 239 -23.43 15.04 24.97
C GLY D 239 -24.90 15.23 24.67
N THR D 240 -25.54 16.24 25.26
CA THR D 240 -26.95 16.50 25.00
C THR D 240 -27.08 17.22 23.66
N PHE D 241 -28.26 17.76 23.38
CA PHE D 241 -28.49 18.47 22.12
C PHE D 241 -29.48 19.59 22.38
N GLN D 242 -29.71 20.41 21.36
CA GLN D 242 -30.74 21.43 21.44
C GLN D 242 -31.09 21.93 20.04
N LYS D 243 -32.22 22.62 19.96
CA LYS D 243 -32.76 23.17 18.71
C LYS D 243 -33.91 24.10 19.07
N TRP D 244 -34.16 25.08 18.21
CA TRP D 244 -35.32 25.95 18.33
C TRP D 244 -35.91 26.24 16.96
N ALA D 245 -37.18 26.62 16.98
CA ALA D 245 -37.89 27.09 15.80
C ALA D 245 -38.67 28.34 16.17
N ALA D 246 -38.88 29.21 15.18
CA ALA D 246 -39.48 30.50 15.46
C ALA D 246 -40.49 30.85 14.39
N VAL D 247 -41.33 31.84 14.71
CA VAL D 247 -42.39 32.29 13.83
C VAL D 247 -42.63 33.77 14.09
N VAL D 248 -43.10 34.48 13.08
CA VAL D 248 -43.45 35.89 13.21
C VAL D 248 -44.94 35.99 13.48
N VAL D 249 -45.30 36.78 14.48
CA VAL D 249 -46.69 36.84 14.93
C VAL D 249 -47.15 38.28 15.15
N PRO D 250 -48.34 38.64 14.70
CA PRO D 250 -48.92 39.93 15.10
C PRO D 250 -49.32 39.92 16.56
N SER D 251 -49.35 41.10 17.16
CA SER D 251 -49.65 41.20 18.58
C SER D 251 -51.04 40.65 18.88
N GLY D 252 -51.19 40.07 20.06
CA GLY D 252 -52.47 39.52 20.48
C GLY D 252 -52.78 38.17 19.87
N GLU D 253 -52.45 38.00 18.60
CA GLU D 253 -52.70 36.76 17.87
C GLU D 253 -51.91 35.58 18.40
N GLU D 254 -50.88 35.83 19.23
CA GLU D 254 -50.00 34.75 19.69
C GLU D 254 -50.77 33.62 20.36
N GLN D 255 -51.91 33.92 20.98
CA GLN D 255 -52.72 32.90 21.63
C GLN D 255 -53.34 31.90 20.66
N ARG D 256 -53.05 32.02 19.36
CA ARG D 256 -53.52 31.07 18.36
C ARG D 256 -52.42 30.14 17.87
N TYR D 257 -51.32 30.04 18.62
CA TYR D 257 -50.20 29.19 18.26
C TYR D 257 -49.76 28.37 19.46
N THR D 258 -49.49 27.10 19.23
CA THR D 258 -48.94 26.22 20.26
C THR D 258 -47.78 25.43 19.67
N CYS D 259 -46.74 25.24 20.48
CA CYS D 259 -45.57 24.49 20.06
C CYS D 259 -45.76 23.04 20.47
N HIS D 260 -45.80 22.14 19.48
CA HIS D 260 -45.98 20.71 19.71
C HIS D 260 -44.71 19.99 19.33
N VAL D 261 -44.24 19.11 20.21
CA VAL D 261 -42.93 18.50 20.08
C VAL D 261 -43.02 17.04 20.50
N GLN D 262 -42.26 16.18 19.84
CA GLN D 262 -42.32 14.74 20.08
C GLN D 262 -40.92 14.17 20.11
N HIS D 263 -40.56 13.54 21.23
CA HIS D 263 -39.25 12.93 21.41
C HIS D 263 -39.42 11.55 22.05
N GLU D 264 -38.46 10.67 21.78
CA GLU D 264 -38.50 9.33 22.36
C GLU D 264 -38.66 9.41 23.87
N GLY D 265 -37.92 10.31 24.52
CA GLY D 265 -38.08 10.50 25.94
C GLY D 265 -39.42 11.06 26.33
N LEU D 266 -40.21 11.52 25.36
CA LEU D 266 -41.53 12.09 25.64
C LEU D 266 -42.61 11.10 25.25
N PRO D 267 -43.28 10.46 26.21
CA PRO D 267 -44.41 9.60 25.83
C PRO D 267 -45.53 10.40 25.18
N LYS D 268 -46.01 11.43 25.85
CA LYS D 268 -47.11 12.25 25.35
C LYS D 268 -46.54 13.51 24.73
N PRO D 269 -46.73 13.74 23.44
CA PRO D 269 -46.24 14.98 22.83
C PRO D 269 -46.81 16.20 23.54
N LEU D 270 -45.94 17.17 23.79
CA LEU D 270 -46.26 18.27 24.69
C LEU D 270 -46.79 19.47 23.92
N THR D 271 -47.59 20.28 24.61
CA THR D 271 -48.18 21.49 24.07
C THR D 271 -47.57 22.69 24.78
N LEU D 272 -47.08 23.66 24.01
CA LEU D 272 -46.52 24.88 24.56
C LEU D 272 -47.49 26.02 24.29
N ARG D 273 -48.18 26.45 25.34
CA ARG D 273 -49.10 27.58 25.27
C ARG D 273 -48.38 28.81 25.81
N TRP D 274 -48.08 29.76 24.94
CA TRP D 274 -47.33 30.95 25.30
C TRP D 274 -48.04 31.71 26.41
N GLU D 275 -47.42 31.74 27.58
CA GLU D 275 -47.93 32.57 28.66
C GLU D 275 -47.96 34.03 28.20
N LEU D 276 -49.15 34.63 28.22
CA LEU D 276 -49.28 36.00 27.74
C LEU D 276 -48.39 36.95 28.53
N SER D 277 -48.08 36.63 29.78
CA SER D 277 -47.15 37.42 30.57
C SER D 277 -45.86 36.65 30.83
N GLU E 1 -14.81 21.18 -8.04
CA GLU E 1 -14.50 19.93 -7.38
C GLU E 1 -15.55 19.60 -6.32
N ALA E 2 -15.96 20.63 -5.58
CA ALA E 2 -16.91 20.46 -4.48
C ALA E 2 -18.06 21.42 -4.63
N ILE E 3 -18.92 21.47 -3.62
CA ILE E 3 -20.03 22.42 -3.61
C ILE E 3 -19.77 23.59 -2.68
N GLN E 4 -18.82 23.46 -1.76
CA GLN E 4 -18.43 24.54 -0.88
C GLN E 4 -19.63 25.13 -0.16
N ARG E 5 -20.38 24.27 0.51
CA ARG E 5 -21.49 24.75 1.32
C ARG E 5 -20.99 25.80 2.30
N THR E 6 -21.82 26.77 2.59
CA THR E 6 -21.37 27.82 3.47
C THR E 6 -21.72 27.47 4.91
N PRO E 7 -20.81 27.75 5.84
CA PRO E 7 -21.08 27.45 7.25
C PRO E 7 -22.42 27.97 7.71
N LYS E 8 -22.96 27.37 8.75
CA LYS E 8 -24.14 27.91 9.39
C LYS E 8 -23.73 28.19 10.82
N ILE E 9 -23.11 29.34 11.02
CA ILE E 9 -22.57 29.68 12.32
C ILE E 9 -23.70 29.89 13.30
N GLN E 10 -23.54 29.34 14.49
CA GLN E 10 -24.53 29.51 15.54
C GLN E 10 -23.77 29.67 16.84
N VAL E 11 -23.72 30.88 17.35
CA VAL E 11 -23.04 31.16 18.61
C VAL E 11 -24.06 31.09 19.73
N TYR E 12 -23.76 30.30 20.74
CA TYR E 12 -24.72 30.08 21.81
C TYR E 12 -24.00 29.54 23.03
N SER E 13 -24.67 29.61 24.16
CA SER E 13 -24.15 29.09 25.42
C SER E 13 -24.83 27.76 25.70
N ARG E 14 -24.04 26.70 25.85
CA ARG E 14 -24.60 25.37 26.06
C ARG E 14 -25.45 25.29 27.31
N HIS E 15 -25.54 26.37 28.08
CA HIS E 15 -26.48 26.52 29.17
C HIS E 15 -27.18 27.85 28.99
N PRO E 16 -28.37 28.01 29.56
CA PRO E 16 -29.03 29.32 29.47
C PRO E 16 -28.19 30.38 30.15
N ALA E 17 -27.63 31.30 29.34
CA ALA E 17 -26.63 32.23 29.83
C ALA E 17 -27.16 33.04 31.00
N GLU E 18 -26.31 33.24 32.00
CA GLU E 18 -26.65 34.06 33.16
C GLU E 18 -25.49 34.99 33.45
N ASN E 19 -25.83 36.17 33.96
CA ASN E 19 -24.87 37.24 34.18
C ASN E 19 -23.80 36.82 35.17
N GLY E 20 -22.56 36.67 34.68
CA GLY E 20 -21.44 36.41 35.58
C GLY E 20 -21.28 34.99 36.06
N LYS E 21 -21.62 34.01 35.23
CA LYS E 21 -21.48 32.61 35.59
C LYS E 21 -20.43 31.95 34.71
N SER E 22 -20.30 30.63 34.84
CA SER E 22 -19.34 29.85 34.07
C SER E 22 -20.12 29.03 33.06
N ASN E 23 -20.04 29.44 31.80
CA ASN E 23 -20.74 28.82 30.70
C ASN E 23 -19.71 28.30 29.70
N PHE E 24 -20.17 27.96 28.51
CA PHE E 24 -19.27 27.74 27.39
C PHE E 24 -19.74 28.56 26.20
N LEU E 25 -18.80 28.99 25.38
CA LEU E 25 -19.12 29.79 24.20
C LEU E 25 -19.04 28.87 23.00
N ASN E 26 -20.15 28.22 22.69
CA ASN E 26 -20.19 27.31 21.56
C ASN E 26 -20.30 28.10 20.27
N CYS E 27 -19.62 27.63 19.24
CA CYS E 27 -19.65 28.26 17.93
C CYS E 27 -19.94 27.19 16.90
N TYR E 28 -21.07 26.51 17.06
CA TYR E 28 -21.35 25.29 16.35
C TYR E 28 -21.46 25.59 14.87
N VAL E 29 -20.32 25.57 14.20
CA VAL E 29 -20.27 25.82 12.76
C VAL E 29 -20.81 24.58 12.07
N SER E 30 -22.08 24.62 11.69
CA SER E 30 -22.79 23.50 11.09
C SER E 30 -22.40 23.33 9.62
N GLY E 31 -23.23 22.63 8.87
CA GLY E 31 -22.77 22.06 7.63
C GLY E 31 -22.11 22.99 6.65
N PHE E 32 -20.79 22.91 6.61
CA PHE E 32 -19.93 23.59 5.66
C PHE E 32 -19.14 22.52 4.93
N HIS E 33 -19.03 22.62 3.63
CA HIS E 33 -18.29 21.46 3.20
C HIS E 33 -16.78 21.58 3.40
N PRO E 34 -16.06 22.44 2.65
CA PRO E 34 -14.66 22.12 2.33
C PRO E 34 -13.74 21.75 3.48
N SER E 35 -14.22 21.85 4.72
CA SER E 35 -13.68 21.25 5.94
C SER E 35 -12.52 22.02 6.57
N ASP E 36 -11.94 22.99 5.89
CA ASP E 36 -10.89 23.81 6.51
C ASP E 36 -11.54 25.08 7.02
N ILE E 37 -12.06 24.99 8.24
CA ILE E 37 -12.67 26.14 8.87
C ILE E 37 -11.53 26.92 9.54
N GLU E 38 -11.78 28.16 9.92
CA GLU E 38 -10.84 28.95 10.71
C GLU E 38 -11.55 29.68 11.82
N VAL E 39 -12.35 28.96 12.60
CA VAL E 39 -13.11 29.58 13.67
C VAL E 39 -12.17 30.31 14.60
N ASP E 40 -12.59 31.50 15.02
CA ASP E 40 -11.92 32.29 16.04
C ASP E 40 -12.98 32.78 17.00
N LEU E 41 -12.71 32.70 18.29
CA LEU E 41 -13.63 33.22 19.29
C LEU E 41 -13.09 34.57 19.75
N LEU E 42 -13.81 35.63 19.38
CA LEU E 42 -13.34 36.98 19.61
C LEU E 42 -13.78 37.47 20.98
N LYS E 43 -12.83 38.01 21.74
CA LYS E 43 -13.10 38.62 23.03
C LYS E 43 -13.06 40.12 22.84
N ASN E 44 -14.18 40.68 22.39
CA ASN E 44 -14.26 42.07 21.97
C ASN E 44 -13.26 42.34 20.85
N GLY E 45 -13.13 41.40 19.92
CA GLY E 45 -12.38 41.60 18.70
C GLY E 45 -11.06 40.88 18.62
N GLU E 46 -10.41 40.60 19.75
CA GLU E 46 -9.11 39.94 19.72
C GLU E 46 -9.26 38.44 20.00
N ARG E 47 -8.55 37.64 19.21
CA ARG E 47 -8.70 36.20 19.22
C ARG E 47 -8.28 35.60 20.56
N ILE E 48 -9.19 34.86 21.18
CA ILE E 48 -8.80 34.03 22.32
C ILE E 48 -7.98 32.85 21.81
N GLU E 49 -7.06 32.37 22.65
CA GLU E 49 -6.17 31.27 22.29
C GLU E 49 -6.49 29.96 22.98
N LYS E 50 -7.10 30.01 24.16
CA LYS E 50 -7.38 28.80 24.94
C LYS E 50 -8.75 28.23 24.57
N VAL E 51 -8.87 27.82 23.31
CA VAL E 51 -10.12 27.27 22.78
C VAL E 51 -9.82 25.93 22.13
N GLU E 52 -10.65 24.95 22.42
CA GLU E 52 -10.57 23.62 21.83
C GLU E 52 -11.88 23.34 21.09
N HIS E 53 -12.03 22.11 20.62
CA HIS E 53 -13.17 21.79 19.77
C HIS E 53 -13.39 20.29 19.76
N SER E 54 -14.62 19.89 19.49
CA SER E 54 -14.91 18.49 19.26
C SER E 54 -14.24 18.03 17.98
N ASP E 55 -14.35 16.73 17.71
CA ASP E 55 -13.74 16.17 16.52
C ASP E 55 -14.55 16.49 15.27
N LEU E 56 -13.88 16.43 14.13
CA LEU E 56 -14.52 16.74 12.87
C LEU E 56 -15.47 15.63 12.45
N SER E 57 -16.74 15.77 12.78
CA SER E 57 -17.76 14.82 12.33
C SER E 57 -18.21 15.19 10.92
N PHE E 58 -19.21 14.49 10.41
CA PHE E 58 -19.97 14.96 9.26
C PHE E 58 -21.38 14.41 9.36
N SER E 59 -22.17 14.68 8.34
CA SER E 59 -23.60 14.46 8.40
C SER E 59 -24.05 13.55 7.26
N LYS E 60 -25.35 13.21 7.30
CA LYS E 60 -25.92 12.30 6.32
C LYS E 60 -25.71 12.82 4.90
N ASP E 61 -25.79 14.14 4.73
CA ASP E 61 -25.49 14.78 3.47
C ASP E 61 -24.05 15.26 3.38
N TRP E 62 -23.16 14.77 4.26
CA TRP E 62 -21.72 14.95 4.13
C TRP E 62 -21.28 16.39 4.42
N SER E 63 -21.86 17.00 5.45
CA SER E 63 -21.57 18.38 5.79
C SER E 63 -21.05 18.43 7.22
N PHE E 64 -19.84 18.94 7.40
CA PHE E 64 -19.13 18.77 8.66
C PHE E 64 -19.72 19.60 9.78
N TYR E 65 -19.82 19.00 10.94
CA TYR E 65 -19.99 19.78 12.15
C TYR E 65 -18.61 20.11 12.71
N LEU E 66 -18.58 21.14 13.54
CA LEU E 66 -17.54 21.35 14.53
C LEU E 66 -18.15 22.13 15.67
N LEU E 67 -17.54 22.07 16.83
CA LEU E 67 -18.14 22.66 18.00
C LEU E 67 -17.11 23.43 18.82
N TYR E 68 -16.36 24.32 18.17
CA TYR E 68 -15.42 25.17 18.88
C TYR E 68 -16.07 25.76 20.11
N TYR E 69 -15.36 25.69 21.24
CA TYR E 69 -15.96 26.08 22.50
C TYR E 69 -14.85 26.45 23.47
N THR E 70 -15.20 27.31 24.42
CA THR E 70 -14.26 27.67 25.46
C THR E 70 -15.01 28.36 26.58
N GLU E 71 -14.44 28.28 27.78
CA GLU E 71 -15.05 28.87 28.95
C GLU E 71 -15.10 30.39 28.81
N PHE E 72 -16.17 31.01 29.31
CA PHE E 72 -16.16 32.46 29.44
C PHE E 72 -17.15 32.83 30.53
N THR E 73 -17.13 34.09 30.92
CA THR E 73 -18.10 34.58 31.86
C THR E 73 -18.91 35.68 31.21
N PRO E 74 -20.23 35.64 31.29
CA PRO E 74 -21.06 36.64 30.60
C PRO E 74 -21.08 37.96 31.36
N THR E 75 -20.45 38.97 30.78
CA THR E 75 -20.36 40.30 31.36
C THR E 75 -20.98 41.30 30.41
N GLU E 76 -21.74 42.25 30.94
CA GLU E 76 -22.45 43.21 30.09
C GLU E 76 -21.56 44.36 29.65
N LYS E 77 -20.37 44.05 29.20
CA LYS E 77 -19.52 44.98 28.47
C LYS E 77 -18.95 44.34 27.22
N ASP E 78 -18.57 43.06 27.30
CA ASP E 78 -17.86 42.41 26.22
C ASP E 78 -18.84 41.84 25.21
N GLU E 79 -18.47 41.96 23.93
CA GLU E 79 -19.26 41.45 22.83
C GLU E 79 -18.52 40.23 22.30
N TYR E 80 -18.81 39.08 22.88
CA TYR E 80 -18.28 37.82 22.37
C TYR E 80 -18.78 37.62 20.95
N ALA E 81 -17.87 37.32 20.05
CA ALA E 81 -18.28 37.07 18.68
C ALA E 81 -17.74 35.72 18.26
N CYS E 82 -17.77 35.42 16.97
CA CYS E 82 -17.11 34.21 16.50
C CYS E 82 -16.64 34.48 15.08
N ARG E 83 -15.38 34.87 14.95
CA ARG E 83 -14.85 35.16 13.63
C ARG E 83 -14.67 33.86 12.87
N VAL E 84 -15.67 33.51 12.09
CA VAL E 84 -15.67 32.29 11.31
C VAL E 84 -15.27 32.64 9.89
N ASN E 85 -14.12 32.16 9.46
CA ASN E 85 -13.72 32.32 8.08
C ASN E 85 -13.89 30.99 7.36
N HIS E 86 -13.71 31.02 6.03
CA HIS E 86 -13.90 29.86 5.18
C HIS E 86 -13.51 30.25 3.76
N VAL E 87 -13.41 29.24 2.89
CA VAL E 87 -13.09 29.47 1.49
C VAL E 87 -14.30 30.01 0.76
N THR E 88 -15.42 30.14 1.46
CA THR E 88 -16.62 30.72 0.88
C THR E 88 -16.87 32.14 1.38
N LEU E 89 -16.87 32.33 2.69
CA LEU E 89 -16.93 33.69 3.23
C LEU E 89 -15.69 34.45 2.79
N SER E 90 -15.89 35.50 1.98
CA SER E 90 -14.80 36.35 1.52
C SER E 90 -14.55 37.52 2.47
N GLN E 91 -15.03 37.42 3.72
CA GLN E 91 -14.74 38.39 4.75
C GLN E 91 -14.88 37.66 6.08
N PRO E 92 -14.00 37.90 7.02
CA PRO E 92 -14.05 37.14 8.28
C PRO E 92 -15.31 37.45 9.05
N LYS E 93 -16.42 36.90 8.58
CA LYS E 93 -17.74 37.10 9.16
C LYS E 93 -17.68 37.10 10.67
N ILE E 94 -18.42 38.01 11.28
CA ILE E 94 -18.25 38.30 12.70
C ILE E 94 -19.54 37.93 13.41
N VAL E 95 -20.18 36.84 12.97
CA VAL E 95 -21.42 36.41 13.62
C VAL E 95 -21.27 36.55 15.11
N LYS E 96 -22.17 37.31 15.72
CA LYS E 96 -22.00 37.68 17.11
C LYS E 96 -22.75 36.71 18.00
N TRP E 97 -22.53 36.85 19.30
CA TRP E 97 -23.25 36.04 20.28
C TRP E 97 -24.51 36.80 20.64
N ASP E 98 -25.59 36.51 19.92
CA ASP E 98 -26.88 37.08 20.28
C ASP E 98 -27.41 36.22 21.42
N ARG E 99 -27.13 36.67 22.65
CA ARG E 99 -27.62 35.96 23.82
C ARG E 99 -29.13 35.81 23.80
N ASP E 100 -29.84 36.78 23.22
CA ASP E 100 -31.29 36.72 23.21
C ASP E 100 -31.79 35.69 22.20
N MET E 101 -31.14 35.60 21.04
CA MET E 101 -31.55 34.69 19.98
C MET E 101 -31.69 33.26 20.47
#